data_7G6B
#
_entry.id   7G6B
#
_cell.length_a   84.017
_cell.length_b   91.832
_cell.length_c   119.256
_cell.angle_alpha   90.000
_cell.angle_beta   90.000
_cell.angle_gamma   90.000
#
_symmetry.space_group_name_H-M   'P 21 21 21'
#
loop_
_entity.id
_entity.type
_entity.pdbx_description
1 polymer 'Isoform 2 of Ectonucleotide pyrophosphatase/phosphodiesterase family member 2'
2 branched alpha-D-mannopyranose-(1-2)-alpha-D-mannopyranose-(1-3)-alpha-D-mannopyranose-(1-6)-[alpha-D-mannopyranose-(1-2)-alpha-D-mannopyranose-(1-3)]beta-D-mannopyranose-(1-4)-2-acetamido-2-deoxy-beta-D-glucopyranose-(1-4)-2-acetamido-2-deoxy-beta-D-glucopyranose
3 non-polymer 'CALCIUM ION'
4 non-polymer '2-(N-MORPHOLINO)-ETHANESULFONIC ACID'
5 non-polymer 'ACETATE ION'
6 non-polymer 6-chloro-9-(2-{[(2S)-oxan-2-yl]oxy}ethyl)-2,3,4,9-tetrahydro-1H-pyrido[3,4-b]indol-1-one
7 non-polymer 'SULFATE ION'
8 non-polymer 'ZINC ION'
9 non-polymer 'SODIUM ION'
10 water water
#
_entity_poly.entity_id   1
_entity_poly.type   'polypeptide(L)'
_entity_poly.pdbx_seq_one_letter_code
;FTASRIKRAEWDEGPPTVLSDSPWTATSGSCKGRCFELQEVGPPDCRCDNLCKSYSSCCHDFDELCLKTARGWECTKDRC
GEVRNEENACHCSEDCLSRGDCCTNYQVVCKGESHWVDDDCEEIKVPECPAGFVRPPLIIFSVDGFRASYMKKGSKVMPN
IEKLRSCGTHAPYMRPVYPTKTFPNLYTLATGLYPESHGIVGNSMYDPVFDASFHLRGREKFNHRWWGGQPLWITATKQG
VRAGTFFWSVSIPHERRILTILQWLSLPDNERPSVYAFYSEQPDFSGHKYGPFGPEMTNPLREIDKTVGQLMDGLKQLRL
HRCVNVIFVGDHGMEDVTCDRTEFLSNYLTNVDDITLVPGTLGRIRAKSINNSKYDPKTIIAALTCKKPDQHFKPYMKQH
LPKRLHYANNRRIEDIHLLVDRRWHVARKPLDVYKKPSGKCFFQGDHGFDNKVNSMQTVFVGYGPTFKYRTKVPPFENIE
LYNVMCDLLGLKPAPNNGTHGSLNHLLRTNTFRPTMPDEVSRPNYPGIMYLQSEFDLGCTCDDKVEPKNKLEELNKRLHT
KGSTKERHLLYGRPAVLYRTSYDILYHTDFESGYSEIFLMPLWTSYTISKQAEVSSIPEHLTNCVRPDVRVSPGFSQNCL
AYKNDKQMSYGFLFPPYLSSSPEAKYDAFLVTNMVPMYPAFKRVWAYFQRVLVKKYASERNGVNVISGPIFDYNYDGLRD
TEDEIKQYVEGSSIPVPTHYYSIITSCLDFTQPADKCDGPLSVSSFILPHRPDNDESCNSSEDESKWVEELMKMHTARVR
DIEHLTGLDFYRKTSRSYSEILTLKTYLHTYESEIGGRHHHHHHHH
;
_entity_poly.pdbx_strand_id   A
#
loop_
_chem_comp.id
_chem_comp.type
_chem_comp.name
_chem_comp.formula
ACT non-polymer 'ACETATE ION' 'C2 H3 O2 -1'
BMA D-saccharide, beta linking beta-D-mannopyranose 'C6 H12 O6'
CA non-polymer 'CALCIUM ION' 'Ca 2'
MAN D-saccharide, alpha linking alpha-D-mannopyranose 'C6 H12 O6'
MES non-polymer '2-(N-MORPHOLINO)-ETHANESULFONIC ACID' 'C6 H13 N O4 S'
NA non-polymer 'SODIUM ION' 'Na 1'
NAG D-saccharide, beta linking 2-acetamido-2-deoxy-beta-D-glucopyranose 'C8 H15 N O6'
SO4 non-polymer 'SULFATE ION' 'O4 S -2'
XK5 non-polymer 6-chloro-9-(2-{[(2S)-oxan-2-yl]oxy}ethyl)-2,3,4,9-tetrahydro-1H-pyrido[3,4-b]indol-1-one 'C18 H21 Cl N2 O3'
ZN non-polymer 'ZINC ION' 'Zn 2'
#
# COMPACT_ATOMS: atom_id res chain seq x y z
N TRP A 24 -39.95 8.02 0.20
CA TRP A 24 -40.76 9.28 0.13
C TRP A 24 -40.06 10.49 0.74
N THR A 25 -40.15 11.62 0.05
CA THR A 25 -39.68 12.91 0.57
C THR A 25 -40.80 13.97 0.49
N ALA A 26 -41.07 14.60 1.63
CA ALA A 26 -42.02 15.72 1.69
C ALA A 26 -41.29 17.00 1.28
N THR A 27 -41.03 17.14 -0.03
CA THR A 27 -40.18 18.24 -0.58
C THR A 27 -40.77 19.66 -0.41
N SER A 28 -41.92 19.73 0.28
CA SER A 28 -42.65 20.97 0.56
C SER A 28 -42.13 21.85 1.73
N GLY A 29 -41.23 21.32 2.59
CA GLY A 29 -40.44 22.18 3.52
C GLY A 29 -39.53 23.18 2.76
N SER A 30 -38.73 23.96 3.48
CA SER A 30 -37.91 25.02 2.87
C SER A 30 -36.43 25.08 3.33
N CYS A 31 -35.54 25.48 2.41
CA CYS A 31 -34.10 25.63 2.71
C CYS A 31 -33.71 27.03 3.22
N LYS A 32 -34.70 27.91 3.44
CA LYS A 32 -34.40 29.25 3.96
C LYS A 32 -33.62 29.13 5.30
N GLY A 33 -32.49 29.83 5.37
CA GLY A 33 -31.49 29.70 6.45
C GLY A 33 -30.88 28.31 6.72
N ARG A 34 -31.05 27.36 5.80
CA ARG A 34 -30.55 26.00 5.96
C ARG A 34 -29.54 25.59 4.87
N CYS A 35 -29.09 26.53 4.06
CA CYS A 35 -28.36 26.15 2.84
C CYS A 35 -27.03 25.49 3.22
N PHE A 36 -26.80 24.28 2.73
CA PHE A 36 -25.59 23.48 3.05
C PHE A 36 -25.44 23.25 4.55
N GLU A 37 -26.57 22.94 5.18
CA GLU A 37 -26.61 22.61 6.60
C GLU A 37 -25.76 21.38 6.87
N LEU A 38 -25.17 21.33 8.05
CA LEU A 38 -24.23 20.25 8.39
C LEU A 38 -24.92 19.00 8.96
N GLN A 39 -25.92 19.20 9.81
CA GLN A 39 -26.64 18.06 10.37
C GLN A 39 -27.56 17.49 9.32
N GLU A 40 -27.52 16.19 9.11
CA GLU A 40 -28.45 15.58 8.16
C GLU A 40 -29.82 15.38 8.83
N VAL A 41 -30.87 15.82 8.16
CA VAL A 41 -32.23 15.54 8.62
C VAL A 41 -32.74 14.25 7.97
N GLY A 42 -33.57 13.53 8.72
CA GLY A 42 -34.08 12.22 8.30
C GLY A 42 -35.37 12.33 7.50
N PRO A 43 -35.57 11.39 6.55
CA PRO A 43 -36.81 11.32 5.77
C PRO A 43 -38.07 11.24 6.67
N PRO A 44 -39.24 11.67 6.16
CA PRO A 44 -39.43 12.25 4.83
C PRO A 44 -39.18 13.76 4.77
N ASP A 45 -38.66 14.35 5.85
CA ASP A 45 -38.33 15.78 5.87
C ASP A 45 -37.28 16.08 4.80
N CYS A 46 -37.44 17.20 4.09
CA CYS A 46 -36.58 17.51 2.96
C CYS A 46 -35.23 18.10 3.40
N ARG A 47 -34.24 17.94 2.53
CA ARG A 47 -32.85 18.17 2.90
C ARG A 47 -32.31 19.39 2.18
N CYS A 48 -31.30 19.99 2.76
CA CYS A 48 -30.65 21.16 2.20
C CYS A 48 -29.13 21.03 2.25
N ASP A 49 -28.66 19.80 2.51
CA ASP A 49 -27.20 19.51 2.63
C ASP A 49 -26.53 19.29 1.26
N ASN A 50 -25.19 19.22 1.23
CA ASN A 50 -24.51 19.08 -0.06
C ASN A 50 -24.71 17.76 -0.81
N LEU A 51 -25.36 16.77 -0.20
CA LEU A 51 -25.74 15.54 -0.88
C LEU A 51 -27.24 15.36 -1.19
N CYS A 52 -28.08 16.34 -0.85
CA CYS A 52 -29.53 16.16 -1.07
C CYS A 52 -29.87 15.77 -2.52
N LYS A 53 -29.16 16.35 -3.50
CA LYS A 53 -29.40 16.05 -4.94
C LYS A 53 -29.22 14.58 -5.27
N SER A 54 -28.18 13.98 -4.70
CA SER A 54 -27.87 12.55 -4.91
C SER A 54 -28.95 11.59 -4.41
N TYR A 55 -29.71 12.03 -3.40
CA TYR A 55 -30.82 11.25 -2.85
C TYR A 55 -32.17 11.70 -3.42
N SER A 56 -32.18 12.62 -4.38
CA SER A 56 -33.41 13.24 -4.88
C SER A 56 -34.32 13.77 -3.75
N SER A 57 -33.73 14.41 -2.75
CA SER A 57 -34.48 14.79 -1.56
C SER A 57 -34.39 16.26 -1.18
N CYS A 58 -33.88 17.13 -2.06
CA CYS A 58 -33.74 18.54 -1.69
C CYS A 58 -35.13 19.17 -1.55
N CYS A 59 -35.24 20.15 -0.65
CA CYS A 59 -36.46 20.96 -0.58
C CYS A 59 -36.71 21.69 -1.88
N HIS A 60 -37.98 22.05 -2.08
CA HIS A 60 -38.46 22.69 -3.31
C HIS A 60 -37.67 23.91 -3.75
N ASP A 61 -37.12 24.67 -2.78
CA ASP A 61 -36.40 25.93 -3.05
C ASP A 61 -34.87 25.85 -2.91
N PHE A 62 -34.35 24.63 -2.90
CA PHE A 62 -32.89 24.44 -2.79
C PHE A 62 -32.14 25.12 -3.94
N ASP A 63 -32.55 24.93 -5.20
CA ASP A 63 -31.80 25.57 -6.30
C ASP A 63 -31.82 27.08 -6.16
N GLU A 64 -33.01 27.62 -5.91
CA GLU A 64 -33.24 29.07 -5.83
C GLU A 64 -32.39 29.73 -4.75
N LEU A 65 -32.38 29.12 -3.57
CA LEU A 65 -31.76 29.72 -2.40
C LEU A 65 -30.28 29.37 -2.25
N CYS A 66 -29.95 28.12 -2.55
CA CYS A 66 -28.62 27.60 -2.24
C CYS A 66 -27.70 27.50 -3.42
N LEU A 67 -28.26 27.44 -4.64
CA LEU A 67 -27.43 27.31 -5.84
C LEU A 67 -27.53 28.56 -6.73
N LYS A 68 -27.47 29.73 -6.10
CA LYS A 68 -27.48 30.99 -6.86
C LYS A 68 -26.31 31.08 -7.82
N THR A 69 -26.57 31.64 -8.99
CA THR A 69 -25.55 31.77 -10.02
C THR A 69 -25.47 33.17 -10.60
N ALA A 70 -26.42 34.04 -10.25
CA ALA A 70 -26.53 35.36 -10.88
C ALA A 70 -25.23 36.15 -10.79
N ARG A 71 -24.80 36.62 -11.96
CA ARG A 71 -23.64 37.50 -12.12
C ARG A 71 -22.29 36.75 -11.96
N GLY A 72 -22.34 35.43 -11.88
CA GLY A 72 -21.12 34.61 -11.95
C GLY A 72 -20.32 34.65 -10.64
N TRP A 73 -19.01 34.36 -10.76
CA TRP A 73 -18.22 33.99 -9.58
C TRP A 73 -17.14 34.99 -9.24
N GLU A 74 -17.10 36.11 -9.98
CA GLU A 74 -16.00 37.06 -9.82
C GLU A 74 -16.50 38.50 -9.69
N CYS A 75 -15.88 39.25 -8.80
CA CYS A 75 -16.14 40.69 -8.71
C CYS A 75 -15.51 41.34 -9.92
N THR A 76 -16.07 42.48 -10.32
CA THR A 76 -15.51 43.34 -11.35
C THR A 76 -15.52 44.76 -10.80
N LYS A 77 -14.79 45.66 -11.46
CA LYS A 77 -14.65 47.06 -11.00
C LYS A 77 -15.97 47.77 -10.66
N ASP A 78 -16.98 47.63 -11.52
CA ASP A 78 -18.29 48.28 -11.28
C ASP A 78 -19.12 47.69 -10.13
N ARG A 79 -18.79 46.46 -9.70
CA ARG A 79 -19.51 45.85 -8.60
C ARG A 79 -18.97 46.29 -7.24
N CYS A 80 -17.75 46.83 -7.21
CA CYS A 80 -17.10 47.22 -5.96
C CYS A 80 -17.98 48.21 -5.22
N GLY A 81 -18.26 47.89 -3.95
CA GLY A 81 -19.10 48.72 -3.09
C GLY A 81 -20.60 48.73 -3.43
N GLU A 82 -21.03 47.88 -4.35
CA GLU A 82 -22.45 47.73 -4.72
C GLU A 82 -23.37 47.60 -3.50
N VAL A 83 -24.65 47.89 -3.69
CA VAL A 83 -25.67 47.59 -2.69
C VAL A 83 -25.90 46.09 -2.73
N ARG A 84 -25.89 45.44 -1.56
CA ARG A 84 -26.14 43.99 -1.47
C ARG A 84 -27.43 43.56 -2.20
N ASN A 85 -27.28 42.64 -3.16
CA ASN A 85 -28.40 42.01 -3.85
C ASN A 85 -28.38 40.51 -3.52
N GLU A 86 -29.28 40.07 -2.64
CA GLU A 86 -29.24 38.68 -2.16
C GLU A 86 -29.32 37.61 -3.28
N GLU A 87 -29.75 38.01 -4.48
CA GLU A 87 -29.84 37.09 -5.62
C GLU A 87 -28.49 36.64 -6.21
N ASN A 88 -27.44 37.41 -5.95
CA ASN A 88 -26.14 37.16 -6.60
C ASN A 88 -25.46 35.91 -6.05
N ALA A 89 -24.64 35.29 -6.88
CA ALA A 89 -23.91 34.06 -6.49
C ALA A 89 -22.91 34.37 -5.38
N CYS A 90 -22.22 35.49 -5.53
CA CYS A 90 -21.35 35.96 -4.47
C CYS A 90 -21.37 37.49 -4.47
N HIS A 91 -20.76 38.11 -3.47
CA HIS A 91 -20.95 39.55 -3.26
C HIS A 91 -19.71 40.40 -3.31
N CYS A 92 -19.91 41.70 -3.57
CA CYS A 92 -18.82 42.66 -3.75
C CYS A 92 -19.17 43.95 -3.02
N SER A 93 -20.23 43.87 -2.23
CA SER A 93 -20.67 44.97 -1.38
C SER A 93 -19.73 45.10 -0.19
N GLU A 94 -19.79 46.25 0.47
CA GLU A 94 -18.88 46.54 1.60
C GLU A 94 -19.06 45.58 2.76
N ASP A 95 -20.27 45.06 2.94
CA ASP A 95 -20.57 44.18 4.07
C ASP A 95 -20.11 42.73 3.89
N CYS A 96 -19.64 42.38 2.69
CA CYS A 96 -19.41 40.96 2.34
C CYS A 96 -18.39 40.24 3.24
N LEU A 97 -17.31 40.91 3.62
CA LEU A 97 -16.32 40.28 4.51
C LEU A 97 -16.93 39.86 5.86
N SER A 98 -17.74 40.73 6.47
CA SER A 98 -18.41 40.39 7.73
C SER A 98 -19.53 39.35 7.50
N ARG A 99 -20.09 39.28 6.30
CA ARG A 99 -21.07 38.23 5.96
C ARG A 99 -20.39 36.90 5.58
N GLY A 100 -19.10 36.94 5.27
CA GLY A 100 -18.33 35.74 4.84
C GLY A 100 -18.70 35.21 3.45
N ASP A 101 -19.25 36.08 2.59
CA ASP A 101 -19.73 35.64 1.28
C ASP A 101 -19.27 36.52 0.10
N CYS A 102 -18.12 37.17 0.22
CA CYS A 102 -17.51 37.86 -0.93
C CYS A 102 -17.10 36.85 -2.00
N CYS A 103 -17.13 37.26 -3.27
CA CYS A 103 -16.44 36.53 -4.33
C CYS A 103 -14.98 36.39 -3.92
N THR A 104 -14.36 35.30 -4.34
CA THR A 104 -13.02 35.03 -3.84
C THR A 104 -12.01 36.09 -4.28
N ASN A 105 -12.29 36.81 -5.37
CA ASN A 105 -11.37 37.84 -5.86
C ASN A 105 -11.75 39.25 -5.41
N TYR A 106 -12.66 39.35 -4.45
CA TYR A 106 -13.12 40.66 -3.98
C TYR A 106 -11.99 41.62 -3.59
N GLN A 107 -11.08 41.19 -2.72
CA GLN A 107 -10.05 42.09 -2.20
C GLN A 107 -9.06 42.49 -3.25
N VAL A 108 -8.84 41.59 -4.22
CA VAL A 108 -7.96 41.85 -5.35
C VAL A 108 -8.58 42.93 -6.26
N VAL A 109 -9.84 42.74 -6.68
CA VAL A 109 -10.51 43.69 -7.58
C VAL A 109 -10.85 45.04 -6.90
N CYS A 110 -11.28 44.99 -5.65
CA CYS A 110 -11.91 46.15 -5.01
C CYS A 110 -11.05 46.80 -3.96
N LYS A 111 -10.06 46.07 -3.44
CA LYS A 111 -9.27 46.63 -2.36
C LYS A 111 -7.77 46.66 -2.66
N GLY A 112 -7.40 46.51 -3.92
CA GLY A 112 -6.01 46.56 -4.36
C GLY A 112 -5.08 45.47 -3.83
N GLU A 113 -5.63 44.35 -3.34
CA GLU A 113 -4.82 43.23 -2.84
C GLU A 113 -4.21 42.39 -3.97
N SER A 114 -3.16 41.61 -3.67
CA SER A 114 -2.63 40.64 -4.66
C SER A 114 -3.31 39.26 -4.58
N HIS A 115 -3.29 38.52 -5.70
CA HIS A 115 -3.74 37.11 -5.65
C HIS A 115 -2.71 36.37 -4.82
N TRP A 116 -3.15 35.37 -4.06
CA TRP A 116 -2.23 34.56 -3.27
C TRP A 116 -1.06 34.05 -4.11
N VAL A 117 -1.32 33.60 -5.34
CA VAL A 117 -0.27 32.95 -6.18
C VAL A 117 0.88 33.92 -6.54
N ASP A 118 0.59 35.21 -6.50
CA ASP A 118 1.57 36.22 -6.86
C ASP A 118 2.46 36.68 -5.68
N ASP A 119 2.10 36.29 -4.46
CA ASP A 119 2.93 36.58 -3.28
C ASP A 119 4.12 35.62 -3.20
N ASP A 120 5.28 36.17 -2.86
CA ASP A 120 6.48 35.39 -2.59
C ASP A 120 6.14 34.40 -1.50
N CYS A 121 6.68 33.22 -1.56
CA CYS A 121 6.41 32.44 -0.41
C CYS A 121 7.32 32.67 0.79
N GLU A 122 6.73 32.57 1.98
CA GLU A 122 7.37 32.92 3.23
C GLU A 122 6.99 31.78 4.13
N GLU A 123 8.00 31.19 4.75
CA GLU A 123 7.81 30.11 5.73
C GLU A 123 6.72 30.44 6.74
N ILE A 124 5.89 29.43 7.03
CA ILE A 124 4.87 29.54 8.06
C ILE A 124 5.41 28.79 9.28
N LYS A 125 6.12 29.54 10.13
CA LYS A 125 6.79 28.93 11.28
C LYS A 125 5.82 28.58 12.39
N VAL A 126 4.76 29.36 12.55
CA VAL A 126 3.72 29.12 13.55
C VAL A 126 2.35 29.39 12.90
N PRO A 127 1.28 28.76 13.38
CA PRO A 127 -0.04 29.14 12.81
C PRO A 127 -0.34 30.58 13.14
N GLU A 128 -0.87 31.29 12.16
CA GLU A 128 -1.26 32.70 12.33
C GLU A 128 -2.74 32.70 12.11
N CYS A 129 -3.51 32.50 13.18
CA CYS A 129 -4.96 32.23 13.09
C CYS A 129 -5.73 33.34 13.81
N PRO A 130 -6.94 33.68 13.32
CA PRO A 130 -7.77 34.68 14.03
C PRO A 130 -8.13 34.22 15.45
N ALA A 131 -8.47 35.17 16.31
CA ALA A 131 -8.90 34.83 17.65
C ALA A 131 -10.10 33.89 17.63
N GLY A 132 -10.09 32.91 18.54
CA GLY A 132 -11.20 32.00 18.66
C GLY A 132 -10.99 30.69 17.92
N PHE A 133 -9.95 30.61 17.10
CA PHE A 133 -9.58 29.34 16.44
C PHE A 133 -8.82 28.41 17.43
N VAL A 134 -9.41 27.27 17.81
CA VAL A 134 -8.77 26.32 18.78
C VAL A 134 -7.62 25.52 18.18
N ARG A 135 -7.60 25.40 16.85
CA ARG A 135 -6.61 24.57 16.14
C ARG A 135 -6.58 25.01 14.66
N PRO A 136 -5.45 24.81 13.96
CA PRO A 136 -5.42 25.05 12.50
C PRO A 136 -6.43 24.11 11.81
N PRO A 137 -7.35 24.67 11.01
CA PRO A 137 -8.28 23.79 10.30
C PRO A 137 -7.53 23.01 9.22
N LEU A 138 -8.11 21.90 8.78
CA LEU A 138 -7.52 21.06 7.72
C LEU A 138 -8.50 21.09 6.54
N ILE A 139 -8.01 21.38 5.34
CA ILE A 139 -8.84 21.29 4.13
C ILE A 139 -8.19 20.25 3.23
N ILE A 140 -8.95 19.20 2.88
CA ILE A 140 -8.40 18.16 2.00
C ILE A 140 -8.97 18.46 0.60
N PHE A 141 -8.11 18.75 -0.35
CA PHE A 141 -8.53 19.09 -1.72
C PHE A 141 -8.24 17.84 -2.58
N SER A 142 -9.25 17.02 -2.85
CA SER A 142 -9.02 15.75 -3.55
CA SER A 142 -9.03 15.76 -3.54
C SER A 142 -9.36 15.87 -5.03
N VAL A 143 -8.46 15.33 -5.86
CA VAL A 143 -8.60 15.39 -7.32
C VAL A 143 -8.62 13.97 -7.91
N ASP A 144 -9.71 13.64 -8.58
CA ASP A 144 -9.91 12.31 -9.15
C ASP A 144 -9.03 12.16 -10.40
N GLY A 145 -8.30 11.06 -10.51
CA GLY A 145 -7.49 10.77 -11.71
C GLY A 145 -6.26 11.65 -11.94
N PHE A 146 -5.77 12.33 -10.88
CA PHE A 146 -4.66 13.22 -11.05
C PHE A 146 -3.34 12.42 -10.97
N ARG A 147 -2.87 12.02 -12.16
CA ARG A 147 -1.63 11.28 -12.34
C ARG A 147 -0.41 12.04 -11.81
N ALA A 148 0.51 11.33 -11.14
CA ALA A 148 1.62 12.00 -10.47
C ALA A 148 2.41 12.87 -11.43
N SER A 149 2.57 12.42 -12.67
CA SER A 149 3.47 13.17 -13.55
C SER A 149 2.84 14.48 -14.05
N TYR A 150 1.55 14.70 -13.79
CA TYR A 150 0.96 15.99 -14.14
C TYR A 150 1.63 17.11 -13.34
N MET A 151 2.20 16.79 -12.16
CA MET A 151 2.78 17.86 -11.33
C MET A 151 3.93 18.53 -12.08
N LYS A 152 4.77 17.73 -12.76
CA LYS A 152 5.86 18.30 -13.57
C LYS A 152 5.37 18.69 -14.97
N LYS A 153 4.65 17.79 -15.63
CA LYS A 153 4.30 17.97 -17.02
C LYS A 153 3.30 19.10 -17.21
N GLY A 154 2.51 19.38 -16.18
CA GLY A 154 1.50 20.45 -16.30
C GLY A 154 1.87 21.71 -15.50
N SER A 155 3.09 21.78 -14.97
CA SER A 155 3.43 22.84 -14.00
C SER A 155 3.30 24.24 -14.57
N LYS A 156 3.53 24.38 -15.88
CA LYS A 156 3.38 25.69 -16.53
C LYS A 156 1.97 26.21 -16.58
N VAL A 157 0.98 25.33 -16.51
CA VAL A 157 -0.39 25.78 -16.55
C VAL A 157 -1.09 25.66 -15.18
N MET A 158 -0.31 25.36 -14.13
CA MET A 158 -0.90 25.21 -12.78
C MET A 158 -0.11 26.02 -11.75
N PRO A 159 -0.12 27.36 -11.90
CA PRO A 159 0.73 28.15 -11.00
C PRO A 159 0.37 28.04 -9.50
N ASN A 160 -0.92 27.97 -9.15
CA ASN A 160 -1.31 27.89 -7.74
C ASN A 160 -0.88 26.55 -7.14
N ILE A 161 -1.11 25.47 -7.89
CA ILE A 161 -0.69 24.12 -7.44
C ILE A 161 0.85 24.06 -7.34
N GLU A 162 1.54 24.68 -8.31
CA GLU A 162 2.98 24.70 -8.29
C GLU A 162 3.53 25.43 -7.09
N LYS A 163 2.87 26.51 -6.68
CA LYS A 163 3.27 27.24 -5.47
C LYS A 163 3.03 26.37 -4.25
N LEU A 164 1.88 25.70 -4.17
CA LEU A 164 1.65 24.79 -3.03
C LEU A 164 2.77 23.74 -2.95
N ARG A 165 3.10 23.19 -4.11
CA ARG A 165 4.08 22.12 -4.18
C ARG A 165 5.48 22.59 -3.82
N SER A 166 5.91 23.70 -4.40
CA SER A 166 7.29 24.14 -4.20
C SER A 166 7.50 24.73 -2.78
N CYS A 167 6.48 25.38 -2.24
CA CYS A 167 6.62 26.05 -0.96
CA CYS A 167 6.60 26.06 -0.96
C CYS A 167 6.32 25.16 0.25
N GLY A 168 5.49 24.15 0.04
CA GLY A 168 5.06 23.24 1.12
C GLY A 168 5.92 21.98 1.13
N THR A 169 5.28 20.85 1.48
CA THR A 169 5.91 19.55 1.55
C THR A 169 5.31 18.70 0.44
N HIS A 170 6.14 18.06 -0.38
CA HIS A 170 5.55 17.25 -1.48
C HIS A 170 6.28 15.94 -1.64
N ALA A 171 5.58 14.93 -2.16
CA ALA A 171 6.24 13.71 -2.56
C ALA A 171 6.29 13.72 -4.10
N PRO A 172 7.30 13.06 -4.70
CA PRO A 172 7.36 12.96 -6.19
C PRO A 172 6.14 12.20 -6.68
N TYR A 173 5.65 11.25 -5.86
CA TYR A 173 4.36 10.60 -6.11
C TYR A 173 3.87 9.89 -4.87
N MET A 174 2.59 9.52 -4.90
CA MET A 174 2.01 8.79 -3.79
C MET A 174 1.38 7.52 -4.39
N ARG A 175 1.61 6.36 -3.75
CA ARG A 175 1.12 5.08 -4.26
C ARG A 175 -0.32 4.84 -3.81
N PRO A 176 -1.24 4.62 -4.78
CA PRO A 176 -2.62 4.27 -4.43
C PRO A 176 -2.72 2.83 -3.93
N VAL A 177 -3.90 2.39 -3.50
CA VAL A 177 -4.12 0.95 -3.18
C VAL A 177 -4.70 0.26 -4.45
N TYR A 178 -4.58 -1.06 -4.48
CA TYR A 178 -5.16 -1.88 -5.52
C TYR A 178 -6.57 -2.30 -5.07
N PRO A 179 -7.56 -2.35 -6.01
CA PRO A 179 -7.42 -1.87 -7.36
C PRO A 179 -7.40 -0.35 -7.43
N THR A 180 -6.69 0.19 -8.42
CA THR A 180 -6.52 1.64 -8.53
C THR A 180 -7.76 2.27 -9.16
N LYS A 181 -8.88 2.06 -8.47
CA LYS A 181 -10.20 2.57 -8.81
C LYS A 181 -10.61 3.64 -7.80
N THR A 182 -11.60 4.45 -8.16
CA THR A 182 -12.00 5.61 -7.37
C THR A 182 -12.50 5.31 -5.96
N PHE A 183 -13.58 4.54 -5.85
CA PHE A 183 -14.16 4.29 -4.53
C PHE A 183 -13.22 3.54 -3.54
N PRO A 184 -12.50 2.49 -4.01
CA PRO A 184 -11.54 1.87 -3.10
C PRO A 184 -10.51 2.87 -2.60
N ASN A 185 -10.00 3.74 -3.49
CA ASN A 185 -8.98 4.69 -3.05
C ASN A 185 -9.49 5.84 -2.22
N LEU A 186 -10.62 6.42 -2.59
CA LEU A 186 -11.14 7.49 -1.74
C LEU A 186 -11.48 6.97 -0.33
N TYR A 187 -12.00 5.75 -0.22
CA TYR A 187 -12.33 5.23 1.10
C TYR A 187 -11.07 4.81 1.88
N THR A 188 -10.03 4.34 1.18
CA THR A 188 -8.73 4.14 1.83
C THR A 188 -8.15 5.48 2.35
N LEU A 189 -8.27 6.56 1.57
CA LEU A 189 -7.80 7.84 2.04
C LEU A 189 -8.54 8.22 3.32
N ALA A 190 -9.82 7.89 3.38
CA ALA A 190 -10.67 8.29 4.51
C ALA A 190 -10.46 7.46 5.78
N THR A 191 -9.96 6.25 5.63
CA THR A 191 -9.92 5.26 6.73
C THR A 191 -8.56 4.71 7.13
N GLY A 192 -7.55 4.83 6.27
CA GLY A 192 -6.27 4.20 6.55
C GLY A 192 -6.25 2.70 6.29
N LEU A 193 -7.32 2.16 5.73
CA LEU A 193 -7.44 0.70 5.61
C LEU A 193 -7.23 0.22 4.19
N TYR A 194 -6.67 -0.99 4.04
CA TYR A 194 -6.78 -1.70 2.72
C TYR A 194 -8.26 -1.95 2.36
N PRO A 195 -8.55 -1.95 1.05
CA PRO A 195 -9.90 -2.29 0.60
C PRO A 195 -10.41 -3.64 1.14
N GLU A 196 -9.56 -4.66 1.27
CA GLU A 196 -10.09 -5.92 1.81
C GLU A 196 -10.64 -5.73 3.23
N SER A 197 -10.14 -4.72 3.97
CA SER A 197 -10.59 -4.48 5.33
C SER A 197 -11.74 -3.45 5.40
N HIS A 198 -11.73 -2.39 4.60
CA HIS A 198 -12.84 -1.43 4.65
C HIS A 198 -14.06 -1.89 3.86
N GLY A 199 -13.86 -2.84 2.95
CA GLY A 199 -14.97 -3.51 2.23
C GLY A 199 -15.29 -2.95 0.86
N ILE A 200 -14.73 -1.79 0.49
CA ILE A 200 -14.97 -1.27 -0.85
C ILE A 200 -13.85 -1.80 -1.76
N VAL A 201 -14.06 -3.00 -2.29
CA VAL A 201 -13.00 -3.75 -3.00
C VAL A 201 -13.06 -3.50 -4.51
N GLY A 202 -14.03 -2.75 -4.95
CA GLY A 202 -14.14 -2.31 -6.33
C GLY A 202 -15.19 -1.19 -6.42
N ASN A 203 -15.31 -0.59 -7.61
CA ASN A 203 -16.42 0.33 -7.90
C ASN A 203 -17.72 -0.48 -8.10
N SER A 204 -17.58 -1.76 -8.46
CA SER A 204 -18.69 -2.72 -8.61
CA SER A 204 -18.71 -2.67 -8.52
C SER A 204 -18.43 -3.90 -7.68
N MET A 205 -19.44 -4.37 -6.95
CA MET A 205 -19.22 -5.52 -6.07
C MET A 205 -20.47 -6.35 -5.91
N TYR A 206 -20.26 -7.64 -5.68
CA TYR A 206 -21.37 -8.50 -5.23
C TYR A 206 -21.04 -9.06 -3.87
N ASP A 207 -21.93 -8.93 -2.90
CA ASP A 207 -21.69 -9.53 -1.58
C ASP A 207 -22.62 -10.76 -1.45
N PRO A 208 -22.04 -11.96 -1.44
CA PRO A 208 -22.86 -13.20 -1.39
C PRO A 208 -23.65 -13.40 -0.10
N VAL A 209 -23.19 -12.83 1.01
CA VAL A 209 -23.93 -12.93 2.29
C VAL A 209 -25.19 -12.06 2.25
N PHE A 210 -25.06 -10.84 1.71
CA PHE A 210 -26.21 -9.95 1.62
C PHE A 210 -27.05 -10.34 0.43
N ASP A 211 -26.44 -11.05 -0.55
CA ASP A 211 -26.97 -11.24 -1.89
C ASP A 211 -27.37 -9.87 -2.49
N ALA A 212 -26.42 -8.94 -2.49
CA ALA A 212 -26.72 -7.59 -2.96
C ALA A 212 -25.54 -7.09 -3.77
N SER A 213 -25.83 -6.19 -4.70
CA SER A 213 -24.82 -5.66 -5.62
C SER A 213 -24.61 -4.18 -5.36
N PHE A 214 -23.34 -3.78 -5.36
CA PHE A 214 -22.92 -2.40 -5.19
C PHE A 214 -22.55 -1.86 -6.56
N HIS A 215 -23.10 -0.71 -6.93
CA HIS A 215 -22.71 -0.03 -8.20
C HIS A 215 -22.55 1.49 -7.95
N LEU A 216 -21.75 2.16 -8.79
CA LEU A 216 -21.55 3.61 -8.69
C LEU A 216 -22.84 4.38 -8.93
N ARG A 217 -23.68 3.87 -9.82
CA ARG A 217 -25.01 4.43 -10.07
C ARG A 217 -26.03 3.73 -9.18
N GLY A 218 -26.97 4.49 -8.64
CA GLY A 218 -28.06 3.89 -7.92
C GLY A 218 -27.87 3.92 -6.42
N ARG A 219 -28.80 3.26 -5.72
CA ARG A 219 -29.03 3.55 -4.32
C ARG A 219 -28.45 2.54 -3.33
N GLU A 220 -28.08 1.34 -3.78
CA GLU A 220 -27.56 0.32 -2.86
C GLU A 220 -26.30 0.86 -2.14
N LYS A 221 -25.50 1.65 -2.86
CA LYS A 221 -24.23 2.18 -2.31
C LYS A 221 -24.39 3.08 -1.08
N PHE A 222 -25.59 3.64 -0.87
CA PHE A 222 -25.83 4.46 0.33
C PHE A 222 -26.18 3.64 1.56
N ASN A 223 -26.38 2.33 1.39
CA ASN A 223 -26.66 1.47 2.54
C ASN A 223 -25.38 1.31 3.35
N HIS A 224 -25.47 1.50 4.66
CA HIS A 224 -24.30 1.55 5.52
C HIS A 224 -23.58 0.20 5.68
N ARG A 225 -24.25 -0.90 5.34
CA ARG A 225 -23.64 -2.24 5.46
C ARG A 225 -22.44 -2.48 4.52
N TRP A 226 -22.29 -1.67 3.49
CA TRP A 226 -21.08 -1.82 2.65
C TRP A 226 -19.79 -1.28 3.28
N TRP A 227 -19.94 -0.29 4.16
CA TRP A 227 -18.83 0.59 4.49
C TRP A 227 -18.25 0.24 5.86
N GLY A 228 -17.07 -0.39 5.88
CA GLY A 228 -16.43 -0.77 7.15
C GLY A 228 -15.44 0.27 7.66
N GLY A 229 -14.72 -0.05 8.72
CA GLY A 229 -13.75 0.89 9.31
C GLY A 229 -14.38 2.15 9.87
N GLN A 230 -13.57 3.18 10.10
CA GLN A 230 -14.13 4.43 10.63
C GLN A 230 -13.49 5.59 9.88
N PRO A 231 -14.26 6.26 9.02
CA PRO A 231 -13.64 7.34 8.21
C PRO A 231 -13.36 8.59 9.05
N LEU A 232 -12.48 9.44 8.52
CA LEU A 232 -11.99 10.60 9.26
C LEU A 232 -13.09 11.50 9.82
N TRP A 233 -14.16 11.72 9.05
CA TRP A 233 -15.23 12.61 9.54
C TRP A 233 -15.94 12.01 10.76
N ILE A 234 -16.03 10.70 10.84
CA ILE A 234 -16.59 10.00 12.02
C ILE A 234 -15.60 10.03 13.18
N THR A 235 -14.31 9.75 12.90
CA THR A 235 -13.27 9.85 13.94
C THR A 235 -13.30 11.24 14.58
N ALA A 236 -13.36 12.27 13.73
CA ALA A 236 -13.37 13.65 14.22
C ALA A 236 -14.58 13.89 15.15
N THR A 237 -15.76 13.53 14.67
CA THR A 237 -17.04 13.83 15.37
C THR A 237 -17.06 13.11 16.72
N LYS A 238 -16.68 11.84 16.72
CA LYS A 238 -16.58 11.07 17.96
C LYS A 238 -15.67 11.68 19.01
N GLN A 239 -14.66 12.41 18.58
CA GLN A 239 -13.71 12.98 19.50
C GLN A 239 -13.93 14.48 19.68
N GLY A 240 -15.09 14.99 19.30
CA GLY A 240 -15.46 16.37 19.58
C GLY A 240 -14.86 17.40 18.63
N VAL A 241 -14.46 16.96 17.43
CA VAL A 241 -13.92 17.86 16.42
C VAL A 241 -14.96 17.91 15.29
N ARG A 242 -15.52 19.08 15.01
CA ARG A 242 -16.60 19.17 14.04
C ARG A 242 -16.07 19.06 12.60
N ALA A 243 -16.81 18.38 11.74
CA ALA A 243 -16.41 18.19 10.36
C ALA A 243 -17.41 18.83 9.40
N GLY A 244 -16.93 19.45 8.33
CA GLY A 244 -17.77 19.81 7.19
C GLY A 244 -18.28 18.51 6.58
N THR A 245 -19.31 18.56 5.77
CA THR A 245 -19.77 17.35 5.08
C THR A 245 -18.83 17.22 3.86
N PHE A 246 -18.23 16.03 3.68
CA PHE A 246 -17.09 15.83 2.75
C PHE A 246 -17.53 15.67 1.29
N PHE A 247 -18.78 15.22 1.13
CA PHE A 247 -19.33 14.73 -0.16
C PHE A 247 -20.07 15.80 -0.91
N TRP A 248 -19.86 15.86 -2.23
CA TRP A 248 -20.53 16.91 -3.01
C TRP A 248 -21.28 16.24 -4.17
N SER A 249 -22.58 16.51 -4.29
CA SER A 249 -23.34 16.09 -5.49
C SER A 249 -22.71 16.63 -6.75
N VAL A 250 -22.67 15.79 -7.77
CA VAL A 250 -21.91 16.10 -8.99
C VAL A 250 -22.33 17.43 -9.65
N SER A 251 -23.59 17.82 -9.52
CA SER A 251 -24.09 19.03 -10.20
C SER A 251 -23.78 20.35 -9.49
N ILE A 252 -23.25 20.30 -8.26
CA ILE A 252 -22.89 21.54 -7.57
C ILE A 252 -21.58 22.06 -8.18
N PRO A 253 -21.56 23.29 -8.75
CA PRO A 253 -20.37 23.77 -9.46
C PRO A 253 -19.21 23.91 -8.48
N HIS A 254 -18.00 23.71 -8.95
CA HIS A 254 -16.83 23.83 -8.07
C HIS A 254 -16.74 25.15 -7.36
N GLU A 255 -17.13 26.22 -8.04
CA GLU A 255 -17.10 27.53 -7.43
C GLU A 255 -18.01 27.61 -6.20
N ARG A 256 -19.13 26.92 -6.27
CA ARG A 256 -20.08 26.90 -5.16
C ARG A 256 -19.55 26.04 -4.02
N ARG A 257 -18.83 24.96 -4.34
CA ARG A 257 -18.23 24.12 -3.29
C ARG A 257 -17.23 24.96 -2.47
N ILE A 258 -16.38 25.71 -3.18
CA ILE A 258 -15.37 26.54 -2.55
C ILE A 258 -16.06 27.63 -1.69
N LEU A 259 -17.07 28.30 -2.24
CA LEU A 259 -17.77 29.33 -1.49
C LEU A 259 -18.47 28.79 -0.24
N THR A 260 -19.00 27.56 -0.32
CA THR A 260 -19.61 26.93 0.83
C THR A 260 -18.56 26.68 1.94
N ILE A 261 -17.39 26.13 1.57
CA ILE A 261 -16.31 25.92 2.55
C ILE A 261 -15.90 27.22 3.19
N LEU A 262 -15.75 28.27 2.39
CA LEU A 262 -15.34 29.56 2.92
C LEU A 262 -16.40 30.13 3.84
N GLN A 263 -17.67 29.91 3.50
CA GLN A 263 -18.77 30.35 4.37
C GLN A 263 -18.78 29.61 5.70
N TRP A 264 -18.57 28.30 5.65
CA TRP A 264 -18.47 27.51 6.92
C TRP A 264 -17.33 27.98 7.78
N LEU A 265 -16.24 28.42 7.16
CA LEU A 265 -15.09 28.93 7.92
C LEU A 265 -15.35 30.27 8.60
N SER A 266 -16.46 30.92 8.24
CA SER A 266 -16.90 32.15 8.88
C SER A 266 -17.95 31.92 9.97
N LEU A 267 -18.31 30.67 10.24
CA LEU A 267 -19.26 30.40 11.31
C LEU A 267 -18.66 30.79 12.68
N PRO A 268 -19.52 31.10 13.66
CA PRO A 268 -19.05 31.30 15.05
C PRO A 268 -18.22 30.11 15.54
N ASP A 269 -17.26 30.37 16.45
CA ASP A 269 -16.31 29.36 16.93
C ASP A 269 -16.97 28.02 17.33
N ASN A 270 -18.04 28.10 18.13
CA ASN A 270 -18.75 26.91 18.57
C ASN A 270 -19.46 26.07 17.49
N GLU A 271 -19.64 26.63 16.29
CA GLU A 271 -20.38 25.99 15.19
C GLU A 271 -19.45 25.60 14.01
N ARG A 272 -18.23 26.11 14.01
CA ARG A 272 -17.39 26.07 12.83
C ARG A 272 -16.67 24.73 12.75
N PRO A 273 -16.73 24.02 11.61
CA PRO A 273 -15.92 22.81 11.51
C PRO A 273 -14.40 23.06 11.48
N SER A 274 -13.66 22.03 11.89
CA SER A 274 -12.22 22.08 11.85
C SER A 274 -11.64 21.29 10.68
N VAL A 275 -12.44 20.45 10.04
CA VAL A 275 -11.93 19.69 8.89
C VAL A 275 -12.95 19.72 7.77
N TYR A 276 -12.41 19.83 6.55
CA TYR A 276 -13.23 20.03 5.35
C TYR A 276 -12.64 19.23 4.23
N ALA A 277 -13.51 18.89 3.26
CA ALA A 277 -13.04 18.31 1.99
C ALA A 277 -13.66 19.00 0.77
N PHE A 278 -12.84 19.19 -0.24
CA PHE A 278 -13.32 19.54 -1.57
C PHE A 278 -12.99 18.35 -2.46
N TYR A 279 -13.88 18.03 -3.40
CA TYR A 279 -13.60 16.99 -4.37
C TYR A 279 -13.81 17.52 -5.78
N SER A 280 -12.90 17.12 -6.65
CA SER A 280 -13.03 17.37 -8.10
C SER A 280 -13.11 16.08 -8.92
N GLU A 281 -14.12 15.99 -9.78
CA GLU A 281 -14.29 14.87 -10.72
C GLU A 281 -13.25 14.88 -11.86
N GLN A 282 -12.59 16.02 -12.01
CA GLN A 282 -11.51 16.23 -12.98
C GLN A 282 -10.14 16.09 -12.27
N PRO A 283 -9.10 15.70 -13.01
CA PRO A 283 -9.05 15.43 -14.47
C PRO A 283 -9.51 14.03 -14.93
N ASP A 284 -9.98 13.16 -14.02
CA ASP A 284 -10.39 11.80 -14.38
C ASP A 284 -11.42 11.82 -15.53
N PHE A 285 -12.44 12.67 -15.41
CA PHE A 285 -13.50 12.65 -16.38
C PHE A 285 -12.97 12.84 -17.81
N SER A 286 -12.15 13.85 -18.03
CA SER A 286 -11.56 14.08 -19.36
C SER A 286 -10.51 13.04 -19.70
N GLY A 287 -9.75 12.58 -18.70
CA GLY A 287 -8.72 11.55 -18.87
C GLY A 287 -9.26 10.29 -19.49
N HIS A 288 -10.45 9.84 -19.08
CA HIS A 288 -11.05 8.68 -19.71
C HIS A 288 -11.31 8.91 -21.20
N LYS A 289 -11.79 10.11 -21.54
CA LYS A 289 -12.19 10.43 -22.92
C LYS A 289 -10.97 10.62 -23.80
N TYR A 290 -9.94 11.29 -23.28
CA TYR A 290 -8.83 11.78 -24.12
C TYR A 290 -7.47 11.12 -23.87
N GLY A 291 -7.38 10.24 -22.87
CA GLY A 291 -6.07 9.67 -22.50
C GLY A 291 -5.38 10.61 -21.52
N PRO A 292 -4.39 10.09 -20.77
CA PRO A 292 -3.77 10.89 -19.72
C PRO A 292 -3.10 12.18 -20.25
N PHE A 293 -2.53 12.13 -21.45
CA PHE A 293 -1.86 13.33 -22.02
C PHE A 293 -2.45 13.89 -23.32
N GLY A 294 -3.69 13.55 -23.58
CA GLY A 294 -4.41 14.13 -24.73
C GLY A 294 -4.34 15.63 -24.68
N PRO A 295 -4.21 16.30 -25.84
CA PRO A 295 -4.15 17.78 -25.82
C PRO A 295 -5.34 18.43 -25.13
N GLU A 296 -6.49 17.75 -25.10
CA GLU A 296 -7.70 18.23 -24.39
C GLU A 296 -7.50 18.28 -22.88
N MET A 297 -6.40 17.71 -22.40
CA MET A 297 -6.18 17.65 -20.93
C MET A 297 -5.67 18.95 -20.32
N THR A 298 -5.16 19.87 -21.14
CA THR A 298 -4.61 21.08 -20.60
C THR A 298 -5.70 21.90 -19.92
N ASN A 299 -6.85 22.04 -20.58
CA ASN A 299 -7.93 22.84 -20.05
C ASN A 299 -8.47 22.38 -18.67
N PRO A 300 -8.75 21.07 -18.49
CA PRO A 300 -9.12 20.58 -17.14
C PRO A 300 -8.08 20.88 -16.07
N LEU A 301 -6.78 20.76 -16.40
CA LEU A 301 -5.73 21.12 -15.45
C LEU A 301 -5.72 22.62 -15.12
N ARG A 302 -5.88 23.50 -16.11
CA ARG A 302 -5.97 24.93 -15.86
C ARG A 302 -7.17 25.21 -14.95
N GLU A 303 -8.28 24.50 -15.17
CA GLU A 303 -9.50 24.80 -14.41
C GLU A 303 -9.32 24.37 -12.95
N ILE A 304 -8.68 23.22 -12.74
CA ILE A 304 -8.41 22.79 -11.33
C ILE A 304 -7.50 23.79 -10.65
N ASP A 305 -6.45 24.25 -11.35
CA ASP A 305 -5.59 25.26 -10.76
C ASP A 305 -6.33 26.56 -10.41
N LYS A 306 -7.27 26.93 -11.27
CA LYS A 306 -8.06 28.12 -10.98
C LYS A 306 -8.89 27.95 -9.72
N THR A 307 -9.43 26.76 -9.50
CA THR A 307 -10.20 26.46 -8.28
C THR A 307 -9.32 26.55 -7.04
N VAL A 308 -8.11 26.00 -7.12
CA VAL A 308 -7.15 26.13 -6.01
C VAL A 308 -6.87 27.60 -5.71
N GLY A 309 -6.70 28.39 -6.77
CA GLY A 309 -6.51 29.84 -6.67
C GLY A 309 -7.67 30.53 -5.93
N GLN A 310 -8.90 30.13 -6.27
CA GLN A 310 -10.11 30.68 -5.61
C GLN A 310 -10.08 30.39 -4.11
N LEU A 311 -9.74 29.15 -3.76
CA LEU A 311 -9.65 28.75 -2.37
C LEU A 311 -8.60 29.56 -1.62
N MET A 312 -7.39 29.68 -2.19
CA MET A 312 -6.31 30.36 -1.52
C MET A 312 -6.55 31.88 -1.41
N ASP A 313 -7.13 32.46 -2.46
CA ASP A 313 -7.53 33.89 -2.38
C ASP A 313 -8.60 34.06 -1.32
N GLY A 314 -9.52 33.12 -1.27
CA GLY A 314 -10.59 33.16 -0.28
C GLY A 314 -10.09 33.02 1.14
N LEU A 315 -9.11 32.11 1.33
CA LEU A 315 -8.46 31.98 2.65
C LEU A 315 -7.72 33.26 2.98
N LYS A 316 -6.97 33.82 2.02
CA LYS A 316 -6.23 35.06 2.28
C LYS A 316 -7.17 36.20 2.74
N GLN A 317 -8.31 36.37 2.06
CA GLN A 317 -9.37 37.34 2.47
C GLN A 317 -9.86 37.12 3.90
N LEU A 318 -9.95 35.87 4.33
CA LEU A 318 -10.35 35.57 5.68
C LEU A 318 -9.18 35.61 6.68
N ARG A 319 -7.99 35.98 6.23
CA ARG A 319 -6.80 35.92 7.11
C ARG A 319 -6.55 34.50 7.61
N LEU A 320 -6.75 33.51 6.73
CA LEU A 320 -6.59 32.12 7.09
C LEU A 320 -5.53 31.42 6.27
N HIS A 321 -4.92 32.13 5.33
CA HIS A 321 -3.96 31.51 4.40
C HIS A 321 -2.62 31.09 5.07
N ARG A 322 -2.37 31.55 6.30
CA ARG A 322 -1.19 31.13 7.10
C ARG A 322 -1.64 30.44 8.42
N CYS A 323 -2.86 29.89 8.38
CA CYS A 323 -3.52 29.23 9.51
C CYS A 323 -3.98 27.83 9.12
N VAL A 324 -4.54 27.67 7.91
CA VAL A 324 -5.06 26.37 7.45
C VAL A 324 -4.01 25.39 6.88
N ASN A 325 -4.07 24.12 7.26
CA ASN A 325 -3.30 23.11 6.56
C ASN A 325 -4.13 22.62 5.38
N VAL A 326 -3.53 22.64 4.19
CA VAL A 326 -4.18 22.23 2.95
C VAL A 326 -3.50 20.95 2.46
N ILE A 327 -4.27 19.92 2.14
CA ILE A 327 -3.66 18.75 1.51
C ILE A 327 -4.22 18.70 0.10
N PHE A 328 -3.35 18.52 -0.89
CA PHE A 328 -3.79 18.39 -2.29
C PHE A 328 -3.40 16.95 -2.62
N VAL A 329 -4.40 16.11 -2.90
CA VAL A 329 -4.12 14.69 -2.99
C VAL A 329 -5.02 14.07 -4.04
N GLY A 330 -4.51 13.06 -4.75
CA GLY A 330 -5.30 12.36 -5.76
C GLY A 330 -5.64 10.95 -5.31
N ASP A 331 -6.56 10.31 -6.03
CA ASP A 331 -6.91 8.94 -5.71
C ASP A 331 -6.12 7.90 -6.52
N HIS A 332 -5.77 8.22 -7.78
CA HIS A 332 -5.06 7.27 -8.68
C HIS A 332 -4.70 8.07 -9.94
N GLY A 333 -3.87 7.44 -10.80
CA GLY A 333 -3.47 8.08 -12.05
C GLY A 333 -4.42 7.67 -13.19
N MET A 334 -3.83 7.60 -14.38
CA MET A 334 -4.56 7.32 -15.63
C MET A 334 -3.58 6.80 -16.67
N GLU A 335 -4.00 5.76 -17.38
CA GLU A 335 -3.16 5.09 -18.38
C GLU A 335 -3.87 5.18 -19.77
N ASP A 336 -3.08 5.08 -20.83
CA ASP A 336 -3.66 4.93 -22.21
C ASP A 336 -4.24 3.57 -22.40
N VAL A 337 -5.55 3.52 -22.65
CA VAL A 337 -6.26 2.27 -22.81
C VAL A 337 -7.31 2.52 -23.88
N THR A 338 -7.34 1.68 -24.93
CA THR A 338 -8.40 1.80 -25.97
C THR A 338 -9.10 0.45 -26.23
N CYS A 339 -10.34 0.48 -26.77
CA CYS A 339 -11.19 -0.72 -27.06
C CYS A 339 -10.46 -1.83 -27.77
N ASP A 340 -9.56 -1.44 -28.66
CA ASP A 340 -8.88 -2.46 -29.43
C ASP A 340 -7.87 -3.24 -28.60
N ARG A 341 -7.48 -2.74 -27.44
CA ARG A 341 -6.58 -3.53 -26.58
C ARG A 341 -7.43 -4.24 -25.50
N THR A 342 -8.27 -5.16 -25.95
CA THR A 342 -9.13 -5.94 -25.07
C THR A 342 -8.89 -7.40 -25.37
N GLU A 343 -8.62 -8.19 -24.34
CA GLU A 343 -8.62 -9.67 -24.41
C GLU A 343 -10.02 -10.18 -24.08
N PHE A 344 -10.48 -11.19 -24.82
CA PHE A 344 -11.80 -11.75 -24.58
C PHE A 344 -11.77 -13.15 -24.04
N LEU A 345 -12.46 -13.36 -22.92
CA LEU A 345 -12.47 -14.70 -22.30
C LEU A 345 -13.09 -15.75 -23.24
N SER A 346 -13.97 -15.30 -24.12
CA SER A 346 -14.56 -16.18 -25.15
C SER A 346 -13.52 -16.80 -26.11
N ASN A 347 -12.31 -16.22 -26.18
CA ASN A 347 -11.20 -16.85 -26.94
C ASN A 347 -10.42 -17.92 -26.17
N TYR A 348 -10.78 -18.11 -24.90
CA TYR A 348 -10.08 -19.06 -24.03
C TYR A 348 -10.96 -20.17 -23.46
N LEU A 349 -12.18 -19.80 -23.07
CA LEU A 349 -13.06 -20.68 -22.29
C LEU A 349 -14.12 -21.30 -23.19
N THR A 350 -14.38 -22.60 -23.05
CA THR A 350 -15.50 -23.20 -23.82
C THR A 350 -16.83 -22.79 -23.20
N ASN A 351 -16.86 -22.72 -21.88
CA ASN A 351 -18.05 -22.49 -21.05
C ASN A 351 -18.29 -21.03 -20.65
N VAL A 352 -17.98 -20.06 -21.50
CA VAL A 352 -18.03 -18.64 -21.08
C VAL A 352 -19.42 -18.15 -20.58
N ASP A 353 -20.49 -18.84 -20.97
CA ASP A 353 -21.81 -18.46 -20.48
C ASP A 353 -22.13 -18.96 -19.08
N ASP A 354 -21.21 -19.75 -18.51
CA ASP A 354 -21.40 -20.24 -17.16
C ASP A 354 -20.64 -19.42 -16.12
N ILE A 355 -20.01 -18.32 -16.55
CA ILE A 355 -19.27 -17.47 -15.57
C ILE A 355 -19.81 -16.06 -15.61
N THR A 356 -19.63 -15.35 -14.50
CA THR A 356 -19.83 -13.90 -14.41
C THR A 356 -18.43 -13.29 -14.31
N LEU A 357 -18.14 -12.29 -15.14
CA LEU A 357 -16.89 -11.54 -15.07
C LEU A 357 -17.16 -10.08 -14.65
N VAL A 358 -16.42 -9.60 -13.65
CA VAL A 358 -16.30 -8.16 -13.46
C VAL A 358 -15.13 -7.74 -14.33
N PRO A 359 -15.39 -6.93 -15.38
CA PRO A 359 -14.41 -6.68 -16.42
C PRO A 359 -13.60 -5.41 -16.31
N GLY A 360 -12.66 -5.23 -17.24
CA GLY A 360 -11.97 -3.95 -17.41
C GLY A 360 -10.49 -4.09 -17.14
N THR A 361 -9.97 -3.20 -16.29
CA THR A 361 -8.54 -3.14 -15.98
C THR A 361 -8.15 -4.15 -14.88
N LEU A 362 -9.14 -4.87 -14.37
CA LEU A 362 -8.90 -6.06 -13.56
C LEU A 362 -10.04 -7.00 -13.88
N GLY A 363 -9.84 -8.28 -13.64
CA GLY A 363 -10.95 -9.22 -13.86
C GLY A 363 -11.25 -9.95 -12.59
N ARG A 364 -12.55 -10.16 -12.31
CA ARG A 364 -12.95 -11.02 -11.19
C ARG A 364 -14.01 -12.02 -11.68
N ILE A 365 -13.76 -13.30 -11.44
CA ILE A 365 -14.66 -14.33 -12.04
C ILE A 365 -15.34 -15.13 -10.95
N ARG A 366 -16.63 -15.36 -11.10
CA ARG A 366 -17.30 -16.33 -10.26
C ARG A 366 -18.31 -17.10 -11.11
N ALA A 367 -18.95 -18.10 -10.51
CA ALA A 367 -19.96 -18.87 -11.27
C ALA A 367 -21.17 -18.00 -11.54
N LYS A 368 -21.75 -18.12 -12.72
CA LYS A 368 -22.99 -17.42 -13.03
C LYS A 368 -24.13 -17.96 -12.17
N SER A 369 -24.15 -19.26 -11.96
CA SER A 369 -25.19 -19.87 -11.14
C SER A 369 -24.60 -20.75 -10.01
N ILE A 370 -25.05 -20.51 -8.77
CA ILE A 370 -24.63 -21.35 -7.62
C ILE A 370 -25.23 -22.77 -7.67
N ASN A 371 -26.18 -22.97 -8.58
CA ASN A 371 -26.79 -24.28 -8.82
C ASN A 371 -26.04 -25.11 -9.86
N ASN A 372 -24.94 -24.58 -10.37
CA ASN A 372 -24.16 -25.25 -11.40
C ASN A 372 -22.98 -26.04 -10.81
N SER A 373 -23.19 -27.34 -10.58
CA SER A 373 -22.17 -28.21 -9.97
C SER A 373 -21.10 -28.69 -10.98
N LYS A 374 -21.25 -28.28 -12.23
CA LYS A 374 -20.21 -28.48 -13.27
C LYS A 374 -19.15 -27.38 -13.25
N TYR A 375 -19.43 -26.29 -12.53
CA TYR A 375 -18.47 -25.19 -12.38
C TYR A 375 -17.25 -25.68 -11.61
N ASP A 376 -16.07 -25.40 -12.16
CA ASP A 376 -14.81 -25.79 -11.52
C ASP A 376 -13.72 -24.71 -11.78
N PRO A 377 -13.29 -24.03 -10.70
CA PRO A 377 -12.24 -23.00 -10.80
C PRO A 377 -10.92 -23.54 -11.32
N LYS A 378 -10.59 -24.80 -11.03
CA LYS A 378 -9.29 -25.32 -11.47
C LYS A 378 -9.22 -25.35 -12.98
N THR A 379 -10.32 -25.75 -13.62
CA THR A 379 -10.28 -25.83 -15.08
C THR A 379 -10.36 -24.43 -15.71
N ILE A 380 -11.00 -23.47 -15.04
CA ILE A 380 -11.01 -22.12 -15.58
C ILE A 380 -9.61 -21.51 -15.51
N ILE A 381 -8.95 -21.63 -14.36
CA ILE A 381 -7.58 -21.14 -14.25
C ILE A 381 -6.69 -21.79 -15.31
N ALA A 382 -6.77 -23.11 -15.46
CA ALA A 382 -5.88 -23.78 -16.43
C ALA A 382 -6.09 -23.27 -17.87
N ALA A 383 -7.36 -23.07 -18.25
CA ALA A 383 -7.70 -22.58 -19.61
C ALA A 383 -7.24 -21.15 -19.85
N LEU A 384 -7.00 -20.42 -18.76
CA LEU A 384 -6.57 -19.03 -18.84
C LEU A 384 -5.05 -18.85 -18.66
N THR A 385 -4.31 -19.94 -18.44
CA THR A 385 -2.88 -19.87 -18.10
C THR A 385 -1.94 -20.05 -19.31
N CYS A 386 -1.19 -19.00 -19.64
CA CYS A 386 -0.15 -19.01 -20.69
C CYS A 386 -0.61 -19.64 -22.02
N LYS A 387 -1.76 -19.22 -22.52
CA LYS A 387 -2.39 -19.90 -23.64
C LYS A 387 -2.02 -19.26 -24.98
N LYS A 388 -1.62 -18.01 -24.91
CA LYS A 388 -1.30 -17.22 -26.10
C LYS A 388 0.04 -16.57 -25.83
N PRO A 389 0.95 -16.56 -26.83
CA PRO A 389 2.30 -16.02 -26.63
C PRO A 389 2.36 -14.64 -25.96
N ASP A 390 1.54 -13.69 -26.39
CA ASP A 390 1.67 -12.35 -25.83
C ASP A 390 0.54 -11.98 -24.88
N GLN A 391 -0.07 -12.99 -24.27
CA GLN A 391 -1.27 -12.83 -23.44
C GLN A 391 -1.18 -11.62 -22.48
N HIS A 392 -2.21 -10.80 -22.46
CA HIS A 392 -2.13 -9.51 -21.73
C HIS A 392 -2.84 -9.49 -20.37
N PHE A 393 -3.06 -10.67 -19.80
CA PHE A 393 -3.54 -10.79 -18.41
C PHE A 393 -3.02 -12.11 -17.87
N LYS A 394 -2.99 -12.20 -16.53
CA LYS A 394 -2.57 -13.44 -15.89
C LYS A 394 -3.61 -13.83 -14.83
N PRO A 395 -4.07 -15.10 -14.86
CA PRO A 395 -5.02 -15.51 -13.85
C PRO A 395 -4.34 -15.96 -12.55
N TYR A 396 -5.03 -15.70 -11.45
CA TYR A 396 -4.59 -16.08 -10.11
C TYR A 396 -5.78 -16.49 -9.29
N MET A 397 -5.63 -17.55 -8.50
CA MET A 397 -6.50 -17.71 -7.35
C MET A 397 -6.11 -16.55 -6.43
N LYS A 398 -7.06 -15.92 -5.77
CA LYS A 398 -6.72 -14.66 -5.02
C LYS A 398 -5.64 -14.81 -3.95
N GLN A 399 -5.56 -15.98 -3.34
CA GLN A 399 -4.52 -16.21 -2.32
C GLN A 399 -3.12 -16.27 -2.94
N HIS A 400 -3.01 -16.43 -4.27
CA HIS A 400 -1.71 -16.42 -4.94
C HIS A 400 -1.29 -15.05 -5.47
N LEU A 401 -2.17 -14.05 -5.35
CA LEU A 401 -1.79 -12.69 -5.75
C LEU A 401 -0.62 -12.23 -4.88
N PRO A 402 0.28 -11.38 -5.44
CA PRO A 402 1.34 -10.73 -4.67
C PRO A 402 0.79 -10.20 -3.35
N LYS A 403 1.49 -10.52 -2.26
CA LYS A 403 0.97 -10.18 -0.93
C LYS A 403 0.96 -8.67 -0.74
N ARG A 404 1.84 -7.95 -1.45
CA ARG A 404 1.82 -6.47 -1.41
C ARG A 404 0.49 -5.85 -1.82
N LEU A 405 -0.33 -6.54 -2.62
CA LEU A 405 -1.63 -6.01 -2.99
C LEU A 405 -2.66 -6.08 -1.86
N HIS A 406 -2.44 -6.95 -0.88
CA HIS A 406 -3.37 -7.17 0.26
C HIS A 406 -4.82 -7.27 -0.24
N TYR A 407 -5.02 -8.11 -1.25
CA TYR A 407 -6.29 -8.18 -1.96
C TYR A 407 -6.83 -9.59 -1.98
N ALA A 408 -7.25 -10.08 -0.82
CA ALA A 408 -7.85 -11.41 -0.77
C ALA A 408 -8.81 -11.65 0.36
N ASN A 409 -8.57 -11.05 1.53
CA ASN A 409 -9.37 -11.36 2.72
C ASN A 409 -10.72 -10.61 2.80
N ASN A 410 -11.61 -10.86 1.85
CA ASN A 410 -12.94 -10.28 1.88
C ASN A 410 -13.81 -11.17 0.99
N ARG A 411 -15.01 -11.51 1.46
CA ARG A 411 -15.91 -12.40 0.69
C ARG A 411 -16.41 -11.70 -0.58
N ARG A 412 -16.22 -10.38 -0.66
CA ARG A 412 -16.61 -9.66 -1.88
C ARG A 412 -15.55 -9.78 -3.00
N ILE A 413 -14.40 -10.36 -2.68
CA ILE A 413 -13.35 -10.54 -3.67
C ILE A 413 -13.45 -11.98 -4.19
N GLU A 414 -13.77 -12.11 -5.48
CA GLU A 414 -14.00 -13.41 -6.06
C GLU A 414 -12.71 -14.26 -5.99
N ASP A 415 -12.85 -15.58 -5.90
CA ASP A 415 -11.67 -16.43 -5.81
C ASP A 415 -10.71 -16.33 -7.00
N ILE A 416 -11.25 -16.13 -8.20
CA ILE A 416 -10.44 -16.05 -9.41
C ILE A 416 -10.27 -14.59 -9.76
N HIS A 417 -9.01 -14.19 -9.86
CA HIS A 417 -8.61 -12.84 -10.21
C HIS A 417 -7.77 -12.76 -11.48
N LEU A 418 -8.03 -11.76 -12.33
CA LEU A 418 -7.15 -11.56 -13.50
C LEU A 418 -6.40 -10.27 -13.31
N LEU A 419 -5.07 -10.35 -13.22
CA LEU A 419 -4.22 -9.18 -13.24
C LEU A 419 -3.95 -8.80 -14.69
N VAL A 420 -4.42 -7.63 -15.07
CA VAL A 420 -4.40 -7.18 -16.47
C VAL A 420 -3.17 -6.34 -16.72
N ASP A 421 -2.48 -6.58 -17.84
CA ASP A 421 -1.34 -5.72 -18.19
C ASP A 421 -1.74 -4.27 -18.35
N ARG A 422 -0.83 -3.37 -17.95
CA ARG A 422 -1.13 -1.94 -18.18
C ARG A 422 -1.43 -1.72 -19.69
N ARG A 423 -2.37 -0.81 -19.97
CA ARG A 423 -2.80 -0.43 -21.32
CA ARG A 423 -2.80 -0.43 -21.32
C ARG A 423 -3.86 -1.35 -21.90
N TRP A 424 -4.19 -2.40 -21.16
CA TRP A 424 -5.19 -3.41 -21.65
C TRP A 424 -6.46 -3.51 -20.82
N HIS A 425 -7.50 -4.10 -21.41
CA HIS A 425 -8.72 -4.52 -20.74
C HIS A 425 -8.92 -6.02 -20.94
N VAL A 426 -9.71 -6.60 -20.03
CA VAL A 426 -10.27 -7.91 -20.25
C VAL A 426 -11.79 -7.77 -20.30
N ALA A 427 -12.45 -8.58 -21.14
CA ALA A 427 -13.92 -8.58 -21.23
C ALA A 427 -14.34 -10.03 -21.48
N ARG A 428 -15.63 -10.32 -21.34
CA ARG A 428 -16.11 -11.69 -21.43
C ARG A 428 -16.31 -12.09 -22.91
N LYS A 429 -16.99 -11.22 -23.66
CA LYS A 429 -17.23 -11.45 -25.09
CA LYS A 429 -17.30 -11.44 -25.09
C LYS A 429 -17.15 -10.12 -25.86
N PRO A 430 -16.79 -10.18 -27.17
CA PRO A 430 -16.67 -8.93 -27.94
C PRO A 430 -17.91 -8.04 -27.92
N LEU A 431 -19.10 -8.61 -27.82
CA LEU A 431 -20.33 -7.81 -27.83
C LEU A 431 -20.43 -6.87 -26.61
N ASP A 432 -19.76 -7.26 -25.51
CA ASP A 432 -19.67 -6.39 -24.31
C ASP A 432 -18.97 -5.05 -24.54
N VAL A 433 -18.07 -5.01 -25.51
CA VAL A 433 -17.22 -3.86 -25.73
C VAL A 433 -17.83 -2.87 -26.73
N TYR A 434 -18.72 -3.32 -27.60
CA TYR A 434 -19.38 -2.38 -28.54
C TYR A 434 -20.92 -2.24 -28.37
N LYS A 435 -21.51 -3.08 -27.51
CA LYS A 435 -22.90 -2.91 -27.05
C LYS A 435 -22.91 -2.49 -25.57
N LYS A 436 -22.08 -1.49 -25.24
CA LYS A 436 -21.98 -0.92 -23.89
C LYS A 436 -22.68 0.44 -23.80
N CYS A 441 -15.18 3.08 -31.19
CA CYS A 441 -14.71 3.15 -29.80
C CYS A 441 -14.70 4.56 -29.22
N PHE A 442 -15.01 4.64 -27.92
CA PHE A 442 -15.14 5.92 -27.22
C PHE A 442 -13.82 6.35 -26.52
N PHE A 443 -13.51 5.62 -25.46
CA PHE A 443 -12.55 6.04 -24.43
C PHE A 443 -11.08 5.88 -24.83
N GLN A 444 -10.20 6.67 -24.23
CA GLN A 444 -8.78 6.55 -24.50
C GLN A 444 -7.95 6.43 -23.22
N GLY A 445 -8.61 6.49 -22.06
CA GLY A 445 -7.86 6.36 -20.77
C GLY A 445 -8.60 5.43 -19.82
N ASP A 446 -7.85 4.72 -18.97
CA ASP A 446 -8.49 4.02 -17.87
C ASP A 446 -7.47 3.80 -16.74
N HIS A 447 -7.94 3.29 -15.62
CA HIS A 447 -7.07 3.02 -14.46
C HIS A 447 -7.69 1.80 -13.75
N GLY A 448 -6.97 1.26 -12.78
CA GLY A 448 -7.41 0.08 -12.04
C GLY A 448 -6.29 -0.94 -11.86
N PHE A 449 -5.25 -0.82 -12.69
CA PHE A 449 -4.13 -1.78 -12.75
C PHE A 449 -3.38 -1.86 -11.41
N ASP A 450 -2.51 -2.86 -11.30
CA ASP A 450 -1.51 -3.03 -10.22
C ASP A 450 -1.02 -1.67 -9.71
N ASN A 451 -1.06 -1.48 -8.38
CA ASN A 451 -0.75 -0.15 -7.84
C ASN A 451 0.73 0.21 -7.84
N LYS A 452 1.61 -0.65 -8.34
CA LYS A 452 3.02 -0.28 -8.57
CA LYS A 452 3.00 -0.21 -8.54
C LYS A 452 3.31 0.32 -9.95
N VAL A 453 2.35 0.23 -10.85
CA VAL A 453 2.49 0.73 -12.25
C VAL A 453 2.64 2.26 -12.24
N ASN A 454 3.65 2.77 -12.95
CA ASN A 454 3.96 4.18 -12.88
C ASN A 454 2.77 5.09 -13.24
N SER A 455 2.02 4.71 -14.27
CA SER A 455 0.87 5.54 -14.69
C SER A 455 -0.25 5.62 -13.66
N MET A 456 -0.28 4.66 -12.71
CA MET A 456 -1.32 4.69 -11.68
C MET A 456 -0.96 5.59 -10.48
N GLN A 457 0.30 6.02 -10.39
CA GLN A 457 0.72 6.80 -9.20
C GLN A 457 -0.01 8.16 -9.20
N THR A 458 -0.15 8.74 -8.01
CA THR A 458 -0.93 9.98 -7.90
C THR A 458 -0.13 10.98 -7.06
N VAL A 459 -0.79 12.05 -6.61
CA VAL A 459 -0.08 13.19 -6.01
CA VAL A 459 -0.13 13.24 -6.04
C VAL A 459 -0.34 13.38 -4.53
N PHE A 460 0.67 13.95 -3.86
CA PHE A 460 0.53 14.45 -2.50
C PHE A 460 1.33 15.77 -2.34
N VAL A 461 0.63 16.80 -1.87
CA VAL A 461 1.24 18.04 -1.40
C VAL A 461 0.55 18.43 -0.10
N GLY A 462 1.35 18.88 0.88
CA GLY A 462 0.82 19.38 2.17
C GLY A 462 1.37 20.80 2.33
N TYR A 463 0.51 21.75 2.62
CA TYR A 463 0.97 23.12 2.78
C TYR A 463 0.30 23.71 4.01
N GLY A 464 1.05 24.33 4.89
CA GLY A 464 0.43 25.00 6.04
C GLY A 464 1.38 25.02 7.23
N PRO A 465 0.94 25.57 8.37
CA PRO A 465 1.81 25.68 9.55
C PRO A 465 2.36 24.35 10.07
N THR A 466 1.60 23.25 9.91
CA THR A 466 2.00 22.00 10.51
C THR A 466 2.91 21.18 9.59
N PHE A 467 2.89 21.53 8.30
CA PHE A 467 3.75 20.87 7.30
C PHE A 467 5.11 21.57 7.25
N LYS A 468 6.11 20.88 6.74
CA LYS A 468 7.43 21.48 6.58
CA LYS A 468 7.44 21.47 6.57
C LYS A 468 7.46 22.46 5.40
N TYR A 469 8.48 23.29 5.37
CA TYR A 469 8.67 24.34 4.36
C TYR A 469 9.65 23.85 3.29
N ARG A 470 9.28 24.01 2.02
CA ARG A 470 10.14 23.62 0.86
C ARG A 470 10.82 22.27 1.00
N THR A 471 10.03 21.25 1.32
CA THR A 471 10.59 19.94 1.69
C THR A 471 10.08 18.89 0.74
N LYS A 472 10.98 18.07 0.18
CA LYS A 472 10.58 16.93 -0.64
C LYS A 472 10.72 15.71 0.25
N VAL A 473 9.71 14.85 0.23
CA VAL A 473 9.73 13.59 0.99
C VAL A 473 9.64 12.42 0.00
N PRO A 474 10.11 11.23 0.42
CA PRO A 474 10.10 10.13 -0.55
C PRO A 474 8.67 9.66 -0.79
N PRO A 475 8.43 8.97 -1.92
CA PRO A 475 7.10 8.44 -2.22
C PRO A 475 6.64 7.57 -1.04
N PHE A 476 5.35 7.58 -0.78
CA PHE A 476 4.73 6.78 0.30
C PHE A 476 3.36 6.32 -0.15
N GLU A 477 2.77 5.41 0.60
CA GLU A 477 1.44 4.84 0.28
C GLU A 477 0.28 5.63 0.87
N ASN A 478 -0.83 5.65 0.16
CA ASN A 478 -1.96 6.46 0.65
C ASN A 478 -2.61 5.92 1.95
N ILE A 479 -2.38 4.64 2.29
CA ILE A 479 -2.86 4.07 3.59
C ILE A 479 -2.27 4.82 4.76
N GLU A 480 -1.20 5.59 4.53
CA GLU A 480 -0.48 6.27 5.66
C GLU A 480 -1.14 7.60 6.03
N LEU A 481 -1.97 8.13 5.14
CA LEU A 481 -2.42 9.51 5.30
C LEU A 481 -3.44 9.71 6.39
N TYR A 482 -4.34 8.76 6.59
CA TYR A 482 -5.33 8.89 7.66
C TYR A 482 -4.66 9.24 9.00
N ASN A 483 -3.59 8.53 9.34
CA ASN A 483 -2.89 8.79 10.62
C ASN A 483 -2.43 10.24 10.67
N VAL A 484 -1.87 10.74 9.58
CA VAL A 484 -1.35 12.10 9.55
C VAL A 484 -2.50 13.12 9.65
N MET A 485 -3.62 12.84 8.95
CA MET A 485 -4.77 13.72 9.07
C MET A 485 -5.29 13.77 10.53
N CYS A 486 -5.31 12.62 11.18
CA CYS A 486 -5.61 12.57 12.61
C CYS A 486 -4.60 13.39 13.44
N ASP A 487 -3.30 13.27 13.16
CA ASP A 487 -2.25 14.06 13.83
C ASP A 487 -2.50 15.58 13.67
N LEU A 488 -2.86 15.99 12.45
CA LEU A 488 -3.09 17.39 12.14
C LEU A 488 -4.27 17.96 12.89
N LEU A 489 -5.18 17.10 13.32
CA LEU A 489 -6.43 17.53 14.01
C LEU A 489 -6.41 17.18 15.51
N GLY A 490 -5.31 16.60 15.98
CA GLY A 490 -5.21 16.13 17.38
C GLY A 490 -6.11 14.95 17.71
N LEU A 491 -6.41 14.11 16.71
CA LEU A 491 -7.29 12.96 16.91
C LEU A 491 -6.51 11.68 17.14
N LYS A 492 -7.09 10.75 17.89
CA LYS A 492 -6.52 9.40 18.01
C LYS A 492 -7.08 8.60 16.80
N PRO A 493 -6.21 8.03 15.95
CA PRO A 493 -6.79 7.28 14.83
C PRO A 493 -7.43 5.98 15.26
N ALA A 494 -8.52 5.60 14.60
CA ALA A 494 -9.05 4.24 14.74
C ALA A 494 -7.96 3.27 14.18
N PRO A 495 -8.00 1.99 14.60
CA PRO A 495 -7.04 0.96 14.17
C PRO A 495 -7.00 0.86 12.65
N ASN A 496 -5.81 1.00 12.06
CA ASN A 496 -5.74 1.05 10.59
C ASN A 496 -4.44 0.43 10.08
N ASN A 497 -4.20 0.51 8.77
CA ASN A 497 -3.05 -0.22 8.18
C ASN A 497 -1.86 0.67 7.93
N GLY A 498 -2.00 1.96 8.22
CA GLY A 498 -0.83 2.83 8.25
C GLY A 498 0.11 2.37 9.38
N THR A 499 1.32 2.91 9.36
CA THR A 499 2.32 2.63 10.39
C THR A 499 2.56 4.00 10.97
N HIS A 500 1.95 4.25 12.12
CA HIS A 500 1.87 5.60 12.67
C HIS A 500 3.24 6.03 13.17
N GLY A 501 3.72 7.13 12.60
CA GLY A 501 5.07 7.64 12.82
C GLY A 501 5.93 7.56 11.58
N SER A 502 5.52 6.75 10.62
CA SER A 502 6.32 6.57 9.39
C SER A 502 6.28 7.81 8.50
N LEU A 503 5.30 8.72 8.71
CA LEU A 503 5.26 9.97 7.95
C LEU A 503 5.61 11.18 8.83
N ASN A 504 6.30 10.94 9.95
CA ASN A 504 6.64 12.10 10.83
C ASN A 504 7.52 13.13 10.13
N HIS A 505 8.36 12.68 9.20
CA HIS A 505 9.21 13.59 8.44
C HIS A 505 8.48 14.57 7.50
N LEU A 506 7.16 14.45 7.38
CA LEU A 506 6.36 15.44 6.61
C LEU A 506 6.01 16.67 7.46
N LEU A 507 6.14 16.54 8.78
CA LEU A 507 5.50 17.46 9.74
C LEU A 507 6.49 18.30 10.48
N ARG A 508 6.12 19.56 10.67
CA ARG A 508 6.93 20.45 11.50
C ARG A 508 6.73 20.18 12.96
N THR A 509 5.48 19.89 13.37
CA THR A 509 5.06 19.68 14.77
C THR A 509 3.95 18.60 14.75
N ASN A 510 3.36 18.28 15.90
CA ASN A 510 2.29 17.25 16.01
C ASN A 510 2.79 15.86 15.62
N THR A 511 4.10 15.62 15.76
CA THR A 511 4.58 14.30 15.38
C THR A 511 4.07 13.22 16.36
N PHE A 512 4.09 11.96 15.94
CA PHE A 512 3.63 10.92 16.80
C PHE A 512 4.81 10.07 17.11
N ARG A 513 5.10 9.96 18.41
CA ARG A 513 6.37 9.36 18.77
C ARG A 513 6.08 8.01 19.40
N PRO A 514 6.00 6.96 18.57
CA PRO A 514 5.64 5.67 19.14
C PRO A 514 6.84 5.04 19.82
N THR A 515 6.57 4.05 20.67
CA THR A 515 7.60 3.24 21.28
C THR A 515 7.61 1.91 20.50
N MET A 516 8.75 1.25 20.45
CA MET A 516 8.86 -0.08 19.82
C MET A 516 8.00 -1.07 20.60
N PRO A 517 7.38 -2.02 19.89
CA PRO A 517 6.62 -3.02 20.67
C PRO A 517 7.50 -3.87 21.59
N ASP A 518 6.91 -4.31 22.71
CA ASP A 518 7.67 -5.12 23.66
C ASP A 518 7.83 -6.54 23.11
N GLU A 519 9.03 -7.13 23.26
CA GLU A 519 9.22 -8.55 22.90
C GLU A 519 8.33 -9.34 23.84
N VAL A 520 7.61 -10.34 23.31
CA VAL A 520 6.74 -11.20 24.11
C VAL A 520 7.45 -12.49 24.49
N SER A 521 8.20 -13.11 23.57
CA SER A 521 8.89 -14.36 23.90
C SER A 521 10.37 -14.17 23.93
N ARG A 522 11.02 -14.60 25.01
CA ARG A 522 12.48 -14.51 25.00
C ARG A 522 13.07 -15.84 24.56
N PRO A 523 14.20 -15.79 23.85
CA PRO A 523 14.76 -17.01 23.31
C PRO A 523 15.52 -17.83 24.36
N ASN A 524 15.68 -19.11 24.08
CA ASN A 524 16.65 -19.99 24.77
C ASN A 524 17.93 -19.93 23.96
N TYR A 525 19.08 -20.12 24.63
CA TYR A 525 20.37 -20.18 23.98
C TYR A 525 20.94 -21.57 24.32
N PRO A 526 20.56 -22.62 23.56
CA PRO A 526 21.02 -23.98 23.88
C PRO A 526 22.48 -24.22 23.59
N GLY A 527 23.12 -25.02 24.45
CA GLY A 527 24.48 -25.47 24.17
C GLY A 527 24.35 -26.90 23.67
N ILE A 528 25.48 -27.59 23.60
CA ILE A 528 25.49 -28.99 23.14
C ILE A 528 24.89 -29.91 24.18
N MET A 529 23.79 -30.56 23.82
CA MET A 529 22.98 -31.29 24.80
CA MET A 529 23.01 -31.31 24.80
C MET A 529 22.58 -32.70 24.39
N TYR A 530 22.92 -33.09 23.15
CA TYR A 530 22.50 -34.38 22.58
C TYR A 530 23.65 -35.06 21.90
N LEU A 531 23.75 -36.39 22.01
CA LEU A 531 24.73 -37.14 21.26
C LEU A 531 24.13 -37.55 19.92
N GLN A 532 25.02 -37.71 18.93
CA GLN A 532 24.63 -38.07 17.57
C GLN A 532 23.68 -39.27 17.55
N SER A 533 23.97 -40.29 18.35
CA SER A 533 23.15 -41.51 18.29
C SER A 533 21.75 -41.39 18.90
N GLU A 534 21.45 -40.28 19.57
CA GLU A 534 20.07 -40.07 20.02
C GLU A 534 19.14 -39.77 18.85
N PHE A 535 19.70 -39.44 17.70
CA PHE A 535 18.86 -39.07 16.57
C PHE A 535 18.56 -40.28 15.70
N ASP A 536 17.31 -40.40 15.30
CA ASP A 536 16.87 -41.41 14.36
C ASP A 536 16.04 -40.70 13.27
N LEU A 537 16.69 -39.84 12.49
CA LEU A 537 15.98 -38.98 11.56
C LEU A 537 16.04 -39.50 10.14
N GLY A 538 16.83 -40.56 9.91
CA GLY A 538 16.93 -41.15 8.58
C GLY A 538 17.77 -40.30 7.63
N CYS A 539 18.58 -39.42 8.23
CA CYS A 539 19.47 -38.54 7.48
C CYS A 539 20.85 -39.16 7.47
N THR A 540 21.66 -38.80 6.48
CA THR A 540 23.06 -39.23 6.43
C THR A 540 23.87 -38.04 5.97
N CYS A 541 25.14 -38.04 6.35
CA CYS A 541 26.08 -37.07 5.85
C CYS A 541 27.48 -37.65 5.92
N ASP A 542 28.24 -37.42 4.86
CA ASP A 542 29.65 -37.79 4.80
C ASP A 542 30.49 -36.69 5.48
N ASP A 543 30.42 -36.62 6.80
CA ASP A 543 31.13 -35.58 7.55
C ASP A 543 32.09 -36.17 8.60
N LYS A 544 32.42 -37.45 8.41
CA LYS A 544 33.25 -38.22 9.36
C LYS A 544 34.76 -37.99 9.17
N VAL A 545 35.15 -36.87 8.56
CA VAL A 545 36.56 -36.57 8.32
C VAL A 545 37.10 -35.58 9.37
N GLU A 546 38.17 -35.98 10.06
CA GLU A 546 38.71 -35.20 11.17
C GLU A 546 39.49 -33.96 10.69
N ASN A 549 42.36 -30.70 16.29
CA ASN A 549 43.32 -29.60 16.24
C ASN A 549 42.95 -28.53 17.28
N LYS A 550 43.68 -28.53 18.41
CA LYS A 550 43.39 -27.65 19.57
C LYS A 550 43.30 -26.15 19.27
N LEU A 551 44.23 -25.65 18.46
CA LEU A 551 44.25 -24.25 17.99
C LEU A 551 42.86 -23.85 17.46
N GLU A 552 42.41 -24.62 16.47
CA GLU A 552 41.18 -24.36 15.72
C GLU A 552 39.89 -24.87 16.39
N GLU A 553 40.01 -25.80 17.33
CA GLU A 553 38.85 -26.30 18.08
C GLU A 553 38.22 -25.24 18.97
N LEU A 554 39.03 -24.48 19.70
CA LEU A 554 38.49 -23.38 20.53
C LEU A 554 37.71 -22.39 19.64
N ASN A 555 38.23 -22.19 18.42
CA ASN A 555 37.66 -21.26 17.44
C ASN A 555 36.23 -21.61 17.00
N LYS A 556 36.02 -22.89 16.66
CA LYS A 556 34.70 -23.40 16.32
C LYS A 556 33.73 -23.27 17.50
N ARG A 557 34.22 -23.48 18.74
CA ARG A 557 33.40 -23.30 19.95
C ARG A 557 32.99 -21.83 20.11
N LEU A 558 33.90 -20.92 19.78
CA LEU A 558 33.61 -19.50 19.92
C LEU A 558 32.50 -19.11 18.94
N HIS A 559 32.55 -19.63 17.71
CA HIS A 559 31.52 -19.34 16.67
C HIS A 559 30.16 -19.81 17.13
N THR A 560 30.12 -20.97 17.78
CA THR A 560 28.85 -21.52 18.30
C THR A 560 28.32 -20.70 19.49
N LYS A 561 29.20 -19.95 20.15
CA LYS A 561 28.75 -19.09 21.27
C LYS A 561 28.40 -17.67 20.80
N GLY A 562 28.55 -17.38 19.51
CA GLY A 562 28.12 -16.08 18.99
C GLY A 562 29.23 -15.10 18.68
N SER A 563 30.47 -15.58 18.57
CA SER A 563 31.61 -14.68 18.31
C SER A 563 31.57 -13.92 16.98
N THR A 564 30.82 -14.44 16.00
CA THR A 564 30.69 -13.73 14.72
C THR A 564 29.33 -13.00 14.61
N LYS A 565 28.53 -13.01 15.70
CA LYS A 565 27.14 -12.52 15.61
C LYS A 565 27.04 -11.05 15.21
N GLU A 566 28.07 -10.28 15.55
CA GLU A 566 28.10 -8.84 15.20
C GLU A 566 28.17 -8.63 13.68
N ARG A 567 28.79 -9.57 12.98
CA ARG A 567 28.94 -9.48 11.56
C ARG A 567 27.61 -9.85 10.86
N HIS A 568 26.87 -10.81 11.43
CA HIS A 568 25.72 -11.40 10.69
C HIS A 568 24.38 -10.96 11.19
N LEU A 569 24.33 -10.43 12.39
CA LEU A 569 23.10 -9.87 12.94
C LEU A 569 23.32 -8.37 13.16
N LEU A 570 23.07 -7.57 12.13
CA LEU A 570 23.57 -6.18 12.11
C LEU A 570 22.65 -5.19 12.79
N TYR A 571 21.38 -5.52 12.94
CA TYR A 571 20.41 -4.55 13.46
C TYR A 571 19.70 -5.13 14.68
N GLY A 572 20.36 -6.02 15.41
CA GLY A 572 19.75 -6.64 16.60
C GLY A 572 18.99 -7.89 16.22
N ARG A 573 18.69 -8.74 17.21
CA ARG A 573 17.82 -9.87 16.85
C ARG A 573 16.39 -9.38 16.67
N PRO A 574 15.66 -9.95 15.70
CA PRO A 574 14.24 -9.62 15.56
C PRO A 574 13.48 -9.93 16.86
N ALA A 575 12.50 -9.12 17.23
CA ALA A 575 11.74 -9.44 18.43
C ALA A 575 10.56 -10.32 18.04
N VAL A 576 10.24 -11.32 18.86
CA VAL A 576 9.10 -12.19 18.65
C VAL A 576 7.92 -11.65 19.44
N LEU A 577 6.85 -11.23 18.76
CA LEU A 577 5.78 -10.48 19.40
C LEU A 577 4.59 -11.34 19.75
N TYR A 578 4.78 -12.64 19.83
CA TYR A 578 3.72 -13.52 20.28
C TYR A 578 4.35 -14.59 21.18
N ARG A 579 3.51 -15.36 21.85
CA ARG A 579 4.01 -16.39 22.76
CA ARG A 579 3.95 -16.40 22.77
C ARG A 579 4.42 -17.65 22.02
N THR A 580 5.69 -18.01 22.15
CA THR A 580 6.20 -19.24 21.52
C THR A 580 7.51 -19.71 22.17
N SER A 581 7.98 -20.89 21.79
CA SER A 581 9.22 -21.44 22.29
CA SER A 581 9.23 -21.41 22.29
C SER A 581 10.21 -21.50 21.14
N TYR A 582 11.31 -20.75 21.27
CA TYR A 582 12.34 -20.76 20.23
C TYR A 582 13.75 -20.60 20.78
N ASP A 583 14.73 -21.02 19.96
CA ASP A 583 16.14 -21.02 20.32
C ASP A 583 16.95 -20.15 19.38
N ILE A 584 17.88 -19.37 19.92
CA ILE A 584 18.88 -18.72 19.08
C ILE A 584 20.04 -19.69 18.85
N LEU A 585 20.42 -19.85 17.58
CA LEU A 585 21.50 -20.75 17.16
C LEU A 585 22.56 -19.94 16.43
N TYR A 586 23.80 -20.02 16.93
CA TYR A 586 24.87 -19.25 16.33
C TYR A 586 25.74 -20.15 15.47
N HIS A 587 26.26 -19.58 14.39
CA HIS A 587 27.22 -20.26 13.52
C HIS A 587 28.23 -19.26 12.97
N THR A 588 29.31 -19.80 12.41
CA THR A 588 30.30 -18.96 11.74
C THR A 588 29.70 -17.95 10.77
N ASP A 589 28.79 -18.42 9.91
CA ASP A 589 28.32 -17.61 8.79
C ASP A 589 26.90 -17.06 8.92
N PHE A 590 26.15 -17.52 9.92
CA PHE A 590 24.75 -17.11 10.05
C PHE A 590 24.25 -17.35 11.46
N GLU A 591 23.17 -16.64 11.83
CA GLU A 591 22.49 -16.78 13.12
CA GLU A 591 22.53 -16.84 13.09
C GLU A 591 21.04 -17.05 12.80
N SER A 592 20.39 -17.86 13.61
CA SER A 592 18.99 -18.10 13.37
C SER A 592 18.17 -18.13 14.68
N GLY A 593 16.86 -17.87 14.54
CA GLY A 593 15.90 -18.04 15.62
C GLY A 593 15.09 -19.26 15.23
N TYR A 594 15.30 -20.37 15.93
CA TYR A 594 14.72 -21.67 15.54
C TYR A 594 13.46 -21.97 16.35
N SER A 595 12.32 -22.20 15.67
CA SER A 595 11.04 -22.43 16.38
C SER A 595 10.90 -23.89 16.73
N GLU A 596 10.69 -24.19 18.02
CA GLU A 596 10.48 -25.60 18.40
C GLU A 596 9.07 -26.09 18.04
N ILE A 597 8.17 -25.15 17.80
CA ILE A 597 6.79 -25.47 17.45
C ILE A 597 6.65 -25.75 15.94
N PHE A 598 7.26 -24.90 15.09
CA PHE A 598 7.18 -25.08 13.64
C PHE A 598 8.34 -25.91 13.06
N LEU A 599 9.31 -26.29 13.93
CA LEU A 599 10.42 -27.20 13.55
C LEU A 599 11.36 -26.62 12.49
N MET A 600 11.49 -25.30 12.49
CA MET A 600 12.34 -24.64 11.49
C MET A 600 12.60 -23.21 11.94
N PRO A 601 13.57 -22.49 11.34
CA PRO A 601 13.74 -21.10 11.76
C PRO A 601 12.54 -20.20 11.43
N LEU A 602 12.31 -19.26 12.33
CA LEU A 602 11.41 -18.15 12.06
C LEU A 602 12.16 -17.13 11.20
N TRP A 603 13.49 -17.08 11.39
CA TRP A 603 14.35 -16.12 10.69
C TRP A 603 15.76 -16.68 10.71
N THR A 604 16.51 -16.32 9.68
CA THR A 604 17.93 -16.68 9.53
C THR A 604 18.62 -15.43 8.99
N SER A 605 19.71 -15.00 9.65
CA SER A 605 20.35 -13.70 9.36
C SER A 605 21.83 -13.90 9.01
N TYR A 606 22.26 -13.30 7.91
CA TYR A 606 23.64 -13.47 7.48
C TYR A 606 24.08 -12.31 6.62
N THR A 607 25.35 -12.00 6.70
CA THR A 607 25.92 -10.91 5.92
C THR A 607 26.89 -11.44 4.86
N ILE A 608 26.77 -10.89 3.65
CA ILE A 608 27.61 -11.27 2.49
C ILE A 608 28.31 -9.98 2.04
N SER A 609 29.64 -9.93 2.18
CA SER A 609 30.38 -8.74 1.75
C SER A 609 30.52 -8.70 0.25
N LYS A 610 30.87 -7.52 -0.26
CA LYS A 610 31.17 -7.33 -1.68
C LYS A 610 32.23 -8.33 -2.17
N GLN A 611 33.15 -8.71 -1.29
CA GLN A 611 34.27 -9.60 -1.67
C GLN A 611 33.96 -11.08 -1.54
N ALA A 612 32.77 -11.43 -1.05
CA ALA A 612 32.43 -12.84 -0.80
C ALA A 612 32.55 -13.69 -2.04
N GLU A 613 32.88 -14.95 -1.89
CA GLU A 613 32.99 -15.84 -3.03
C GLU A 613 31.88 -16.89 -2.98
N VAL A 614 31.33 -17.22 -4.16
CA VAL A 614 30.33 -18.27 -4.29
C VAL A 614 31.03 -19.60 -4.54
N SER A 615 30.58 -20.65 -3.89
CA SER A 615 31.15 -21.97 -4.16
C SER A 615 30.05 -22.94 -4.43
N SER A 616 30.42 -24.16 -4.78
CA SER A 616 29.42 -25.18 -5.11
C SER A 616 29.12 -26.00 -3.86
N ILE A 617 28.09 -26.83 -3.92
CA ILE A 617 27.92 -27.86 -2.94
C ILE A 617 28.80 -29.04 -3.38
N PRO A 618 29.82 -29.38 -2.59
CA PRO A 618 30.68 -30.50 -2.98
C PRO A 618 29.89 -31.80 -3.19
N GLU A 619 30.39 -32.63 -4.11
CA GLU A 619 29.76 -33.90 -4.42
C GLU A 619 29.45 -34.76 -3.23
N HIS A 620 30.39 -34.91 -2.29
CA HIS A 620 30.15 -35.81 -1.17
C HIS A 620 29.10 -35.26 -0.18
N LEU A 621 28.72 -33.98 -0.33
CA LEU A 621 27.71 -33.36 0.55
C LEU A 621 26.33 -33.14 -0.10
N THR A 622 26.13 -33.63 -1.32
CA THR A 622 24.88 -33.35 -2.05
C THR A 622 23.62 -33.67 -1.24
N ASN A 623 23.61 -34.81 -0.59
CA ASN A 623 22.44 -35.26 0.14
C ASN A 623 22.66 -35.20 1.65
N CYS A 624 23.62 -34.39 2.06
CA CYS A 624 24.00 -34.32 3.48
C CYS A 624 22.96 -33.53 4.30
N VAL A 625 22.44 -34.14 5.36
CA VAL A 625 21.68 -33.41 6.39
C VAL A 625 22.22 -33.92 7.73
N ARG A 626 22.52 -32.99 8.62
CA ARG A 626 23.23 -33.29 9.88
C ARG A 626 22.38 -32.96 11.09
N PRO A 627 22.22 -33.91 12.02
CA PRO A 627 21.60 -33.57 13.31
C PRO A 627 22.29 -32.38 14.00
N ASP A 628 21.48 -31.54 14.64
CA ASP A 628 22.00 -30.42 15.39
C ASP A 628 21.98 -30.80 16.86
N VAL A 629 23.18 -30.99 17.42
CA VAL A 629 23.31 -31.52 18.81
C VAL A 629 22.86 -30.51 19.89
N ARG A 630 22.51 -29.29 19.47
CA ARG A 630 21.91 -28.32 20.40
C ARG A 630 20.38 -28.48 20.52
N VAL A 631 19.76 -29.26 19.65
CA VAL A 631 18.30 -29.24 19.54
C VAL A 631 17.79 -30.66 19.61
N SER A 632 16.79 -30.91 20.44
CA SER A 632 16.36 -32.29 20.67
CA SER A 632 16.31 -32.28 20.68
C SER A 632 15.85 -33.01 19.40
N PRO A 633 16.04 -34.34 19.32
CA PRO A 633 15.43 -35.07 18.19
C PRO A 633 13.93 -34.75 18.07
N GLY A 634 13.23 -34.64 19.22
CA GLY A 634 11.76 -34.37 19.26
C GLY A 634 11.37 -33.03 18.65
N PHE A 635 12.32 -32.11 18.60
CA PHE A 635 12.05 -30.77 18.04
C PHE A 635 12.79 -30.58 16.71
N SER A 636 13.11 -31.67 16.03
CA SER A 636 13.85 -31.61 14.74
C SER A 636 12.97 -32.13 13.60
N GLN A 637 13.27 -31.69 12.38
CA GLN A 637 12.73 -32.36 11.18
C GLN A 637 13.42 -33.72 11.03
N ASN A 638 12.91 -34.52 10.11
CA ASN A 638 13.58 -35.79 9.78
C ASN A 638 13.59 -35.97 8.28
N CYS A 639 14.58 -36.69 7.79
CA CYS A 639 14.73 -36.88 6.36
C CYS A 639 13.78 -37.93 5.80
N LEU A 640 13.33 -38.85 6.64
CA LEU A 640 12.43 -39.92 6.18
C LEU A 640 11.13 -39.33 5.64
N ALA A 641 10.62 -38.32 6.32
CA ALA A 641 9.41 -37.62 5.87
C ALA A 641 9.58 -37.09 4.44
N TYR A 642 10.73 -36.48 4.12
CA TYR A 642 10.97 -35.99 2.77
C TYR A 642 11.09 -37.14 1.78
N LYS A 643 11.75 -38.22 2.19
CA LYS A 643 11.86 -39.42 1.34
C LYS A 643 10.47 -39.91 0.97
N ASN A 644 9.59 -40.00 1.96
CA ASN A 644 8.25 -40.52 1.76
C ASN A 644 7.28 -39.59 1.02
N ASP A 645 7.46 -38.28 1.17
CA ASP A 645 6.59 -37.30 0.53
C ASP A 645 7.04 -37.09 -0.89
N LYS A 646 6.35 -37.72 -1.83
CA LYS A 646 6.77 -37.69 -3.22
C LYS A 646 6.69 -36.31 -3.88
N GLN A 647 5.89 -35.41 -3.33
CA GLN A 647 5.76 -34.06 -3.88
C GLN A 647 6.74 -33.03 -3.30
N MET A 648 7.36 -33.36 -2.17
CA MET A 648 8.04 -32.31 -1.36
C MET A 648 9.51 -32.59 -1.27
N SER A 649 10.31 -31.56 -1.42
CA SER A 649 11.74 -31.70 -1.23
C SER A 649 12.12 -30.72 -0.09
N TYR A 650 13.37 -30.33 0.00
CA TYR A 650 13.80 -29.37 1.02
C TYR A 650 14.87 -28.47 0.46
N GLY A 651 14.99 -27.29 1.08
CA GLY A 651 16.08 -26.37 0.79
C GLY A 651 16.67 -25.88 2.12
N PHE A 652 17.59 -24.92 2.03
CA PHE A 652 18.24 -24.38 3.23
C PHE A 652 18.03 -22.87 3.26
N LEU A 653 17.88 -22.32 4.46
CA LEU A 653 17.72 -20.89 4.61
C LEU A 653 19.03 -20.12 4.47
N PHE A 654 20.08 -20.52 5.19
CA PHE A 654 21.38 -19.96 4.85
C PHE A 654 21.95 -20.83 3.72
N PRO A 655 22.39 -20.23 2.60
CA PRO A 655 22.78 -21.01 1.42
C PRO A 655 24.20 -21.62 1.54
N PRO A 656 24.32 -22.93 1.37
CA PRO A 656 25.63 -23.55 1.41
C PRO A 656 26.60 -22.90 0.40
N TYR A 657 26.07 -22.33 -0.68
CA TYR A 657 26.91 -21.69 -1.72
C TYR A 657 27.70 -20.53 -1.23
N LEU A 658 27.28 -19.92 -0.12
CA LEU A 658 27.96 -18.72 0.34
C LEU A 658 28.74 -18.95 1.65
N SER A 659 29.04 -20.21 1.93
CA SER A 659 29.83 -20.59 3.12
C SER A 659 31.19 -19.87 3.06
N SER A 660 31.73 -19.48 4.22
CA SER A 660 32.99 -18.71 4.24
C SER A 660 34.22 -19.60 4.05
N SER A 661 34.06 -20.90 4.23
CA SER A 661 35.18 -21.86 4.12
C SER A 661 34.62 -23.27 3.98
N PRO A 662 35.43 -24.20 3.45
CA PRO A 662 35.00 -25.59 3.36
C PRO A 662 34.53 -26.12 4.70
N GLU A 663 35.23 -25.78 5.78
CA GLU A 663 34.81 -26.23 7.10
C GLU A 663 33.48 -25.60 7.56
N ALA A 664 33.32 -24.31 7.34
CA ALA A 664 32.09 -23.64 7.78
C ALA A 664 30.88 -24.17 7.00
N LYS A 665 31.12 -24.65 5.78
CA LYS A 665 30.01 -25.15 4.97
C LYS A 665 29.21 -26.28 5.64
N TYR A 666 29.85 -27.12 6.47
CA TYR A 666 29.07 -28.16 7.17
C TYR A 666 27.89 -27.62 7.99
N ASP A 667 28.01 -26.41 8.53
CA ASP A 667 26.94 -25.81 9.35
C ASP A 667 25.69 -25.60 8.50
N ALA A 668 25.88 -25.34 7.22
CA ALA A 668 24.75 -25.03 6.35
C ALA A 668 23.89 -26.28 6.13
N PHE A 669 24.45 -27.48 6.35
CA PHE A 669 23.68 -28.69 6.20
C PHE A 669 22.99 -29.18 7.49
N LEU A 670 23.01 -28.40 8.55
CA LEU A 670 22.28 -28.76 9.76
C LEU A 670 20.79 -28.90 9.51
N VAL A 671 20.18 -29.86 10.18
CA VAL A 671 18.74 -30.09 10.07
C VAL A 671 17.97 -28.85 10.54
N THR A 672 18.61 -28.02 11.36
CA THR A 672 17.95 -26.81 11.88
C THR A 672 18.01 -25.65 10.87
N ASN A 673 18.62 -25.87 9.69
CA ASN A 673 18.70 -24.83 8.64
C ASN A 673 17.82 -25.27 7.44
N MET A 674 17.14 -26.40 7.58
CA MET A 674 16.38 -27.04 6.46
CA MET A 674 16.40 -26.96 6.43
C MET A 674 14.93 -26.59 6.49
N VAL A 675 14.33 -26.41 5.31
CA VAL A 675 12.94 -26.00 5.21
C VAL A 675 12.30 -26.75 4.05
N PRO A 676 10.99 -27.05 4.17
CA PRO A 676 10.38 -27.82 3.07
C PRO A 676 10.15 -26.97 1.82
N MET A 677 10.52 -27.53 0.68
CA MET A 677 10.40 -26.82 -0.61
C MET A 677 9.98 -27.74 -1.71
N TYR A 678 8.89 -27.37 -2.38
CA TYR A 678 8.54 -28.08 -3.62
C TYR A 678 9.69 -27.99 -4.61
N PRO A 679 9.97 -29.09 -5.36
CA PRO A 679 11.01 -29.02 -6.38
C PRO A 679 10.85 -27.82 -7.33
N ALA A 680 9.62 -27.44 -7.69
CA ALA A 680 9.49 -26.31 -8.63
C ALA A 680 9.96 -24.99 -7.98
N PHE A 681 9.63 -24.84 -6.70
CA PHE A 681 10.10 -23.71 -5.94
C PHE A 681 11.62 -23.68 -5.74
N LYS A 682 12.21 -24.86 -5.56
CA LYS A 682 13.68 -24.94 -5.42
C LYS A 682 14.44 -24.36 -6.59
N ARG A 683 13.90 -24.47 -7.80
CA ARG A 683 14.49 -23.75 -8.95
C ARG A 683 14.62 -22.24 -8.69
N VAL A 684 13.57 -21.66 -8.11
CA VAL A 684 13.58 -20.24 -7.84
C VAL A 684 14.60 -19.91 -6.70
N TRP A 685 14.48 -20.68 -5.63
CA TRP A 685 15.23 -20.40 -4.42
C TRP A 685 16.74 -20.59 -4.66
N ALA A 686 17.08 -21.66 -5.37
CA ALA A 686 18.48 -21.96 -5.63
C ALA A 686 19.12 -20.86 -6.48
N TYR A 687 18.37 -20.35 -7.47
CA TYR A 687 18.90 -19.27 -8.27
C TYR A 687 19.07 -17.99 -7.47
N PHE A 688 18.06 -17.62 -6.65
CA PHE A 688 18.22 -16.50 -5.70
C PHE A 688 19.48 -16.68 -4.85
N GLN A 689 19.65 -17.85 -4.22
CA GLN A 689 20.80 -18.04 -3.30
C GLN A 689 22.19 -18.12 -3.99
N ARG A 690 22.27 -18.79 -5.12
CA ARG A 690 23.53 -19.03 -5.84
C ARG A 690 23.97 -17.83 -6.67
N VAL A 691 23.02 -17.13 -7.28
CA VAL A 691 23.32 -16.06 -8.20
C VAL A 691 22.94 -14.67 -7.69
N LEU A 692 21.69 -14.50 -7.26
CA LEU A 692 21.22 -13.15 -6.98
C LEU A 692 21.80 -12.51 -5.71
N VAL A 693 21.94 -13.28 -4.65
CA VAL A 693 22.52 -12.68 -3.42
C VAL A 693 23.90 -12.08 -3.68
N LYS A 694 24.78 -12.85 -4.32
CA LYS A 694 26.10 -12.31 -4.62
CA LYS A 694 26.11 -12.37 -4.71
C LYS A 694 25.97 -11.10 -5.55
N LYS A 695 25.07 -11.16 -6.53
CA LYS A 695 24.85 -10.00 -7.40
C LYS A 695 24.50 -8.73 -6.61
N TYR A 696 23.56 -8.85 -5.68
CA TYR A 696 23.21 -7.72 -4.82
C TYR A 696 24.36 -7.27 -3.94
N ALA A 697 25.15 -8.20 -3.40
CA ALA A 697 26.30 -7.78 -2.58
C ALA A 697 27.29 -6.99 -3.43
N SER A 698 27.47 -7.39 -4.69
CA SER A 698 28.40 -6.71 -5.59
CA SER A 698 28.42 -6.70 -5.55
CA SER A 698 28.41 -6.70 -5.56
C SER A 698 27.93 -5.29 -5.89
N GLU A 699 26.63 -5.17 -6.16
CA GLU A 699 26.04 -3.90 -6.54
C GLU A 699 25.82 -2.95 -5.37
N ARG A 700 25.61 -3.48 -4.17
CA ARG A 700 25.19 -2.64 -3.01
C ARG A 700 26.31 -2.47 -2.01
N ASN A 701 27.48 -3.04 -2.33
CA ASN A 701 28.63 -3.03 -1.42
C ASN A 701 28.38 -3.82 -0.12
N GLY A 702 28.05 -5.09 -0.32
CA GLY A 702 27.65 -6.00 0.76
C GLY A 702 26.13 -5.89 1.02
N VAL A 703 25.54 -7.00 1.46
CA VAL A 703 24.15 -7.01 1.94
C VAL A 703 24.01 -7.86 3.17
N ASN A 704 23.09 -7.47 4.03
CA ASN A 704 22.66 -8.34 5.11
C ASN A 704 21.34 -8.92 4.65
N VAL A 705 21.19 -10.23 4.84
CA VAL A 705 19.98 -10.94 4.41
C VAL A 705 19.30 -11.56 5.64
N ILE A 706 17.99 -11.30 5.78
CA ILE A 706 17.19 -12.12 6.72
C ILE A 706 16.14 -12.89 5.92
N SER A 707 16.14 -14.23 6.04
CA SER A 707 15.20 -15.06 5.27
C SER A 707 14.41 -15.91 6.20
N GLY A 708 13.25 -16.37 5.76
CA GLY A 708 12.47 -17.30 6.60
C GLY A 708 11.18 -17.74 5.93
N PRO A 709 10.42 -18.57 6.61
CA PRO A 709 9.17 -19.05 6.12
C PRO A 709 8.00 -18.12 6.55
N ILE A 710 6.90 -18.17 5.80
CA ILE A 710 5.63 -17.51 6.19
C ILE A 710 4.51 -18.51 6.02
N PHE A 711 3.56 -18.48 6.97
CA PHE A 711 2.40 -19.38 6.93
C PHE A 711 1.19 -18.46 6.95
N ASP A 712 0.45 -18.39 5.84
CA ASP A 712 -0.79 -17.61 5.79
C ASP A 712 -1.83 -18.36 5.00
N TYR A 713 -2.27 -19.48 5.58
CA TYR A 713 -3.22 -20.34 4.88
C TYR A 713 -4.60 -19.71 4.82
N ASN A 714 -4.91 -18.75 5.67
CA ASN A 714 -6.23 -18.10 5.56
C ASN A 714 -6.17 -16.74 4.85
N TYR A 715 -5.03 -16.48 4.20
CA TYR A 715 -4.79 -15.26 3.41
C TYR A 715 -5.32 -13.97 4.02
N ASP A 716 -5.04 -13.78 5.31
CA ASP A 716 -5.48 -12.51 5.98
C ASP A 716 -4.31 -11.55 6.17
N GLY A 717 -3.14 -11.92 5.66
CA GLY A 717 -1.98 -11.00 5.71
C GLY A 717 -1.32 -11.10 7.10
N LEU A 718 -1.82 -12.01 7.96
CA LEU A 718 -1.32 -12.13 9.32
C LEU A 718 -0.81 -13.55 9.64
N ARG A 719 0.21 -13.63 10.50
CA ARG A 719 0.84 -14.86 10.93
C ARG A 719 -0.19 -15.92 11.34
N ASP A 720 -0.14 -17.12 10.78
CA ASP A 720 -1.02 -18.19 11.21
C ASP A 720 -0.59 -18.75 12.57
N THR A 721 -1.57 -19.11 13.37
CA THR A 721 -1.25 -19.95 14.52
C THR A 721 -1.10 -21.41 14.07
N GLU A 722 -0.58 -22.26 14.94
CA GLU A 722 -0.31 -23.64 14.51
C GLU A 722 -1.56 -24.42 14.10
N ASP A 723 -2.72 -24.07 14.64
CA ASP A 723 -3.94 -24.77 14.28
C ASP A 723 -4.61 -24.29 12.98
N GLU A 724 -3.96 -23.36 12.27
CA GLU A 724 -4.46 -22.86 10.96
C GLU A 724 -3.74 -23.48 9.77
N ILE A 725 -2.72 -24.29 10.06
CA ILE A 725 -1.88 -24.90 9.02
C ILE A 725 -2.59 -26.02 8.27
N LYS A 726 -2.66 -25.92 6.94
CA LYS A 726 -3.48 -26.87 6.16
C LYS A 726 -2.66 -28.00 5.55
N GLN A 727 -1.35 -27.86 5.53
CA GLN A 727 -0.53 -28.86 4.87
C GLN A 727 0.76 -29.07 5.65
N TYR A 728 1.14 -30.34 5.76
CA TYR A 728 2.34 -30.82 6.45
C TYR A 728 3.10 -31.72 5.49
N VAL A 729 4.41 -31.87 5.67
CA VAL A 729 5.18 -32.84 4.91
C VAL A 729 4.58 -34.20 5.33
N GLU A 730 4.30 -35.02 4.34
CA GLU A 730 3.54 -36.26 4.52
C GLU A 730 4.04 -37.10 5.68
N GLY A 731 3.13 -37.40 6.60
CA GLY A 731 3.38 -38.31 7.69
C GLY A 731 4.03 -37.64 8.88
N SER A 732 4.22 -36.32 8.85
CA SER A 732 5.02 -35.65 9.88
C SER A 732 4.27 -34.46 10.44
N SER A 733 4.87 -33.79 11.42
CA SER A 733 4.33 -32.54 11.97
C SER A 733 5.13 -31.32 11.42
N ILE A 734 5.80 -31.51 10.29
CA ILE A 734 6.58 -30.40 9.66
C ILE A 734 5.58 -29.60 8.81
N PRO A 735 5.27 -28.34 9.20
CA PRO A 735 4.29 -27.52 8.47
C PRO A 735 4.87 -26.98 7.16
N VAL A 736 4.04 -26.86 6.12
CA VAL A 736 4.55 -26.36 4.86
C VAL A 736 4.27 -24.85 4.76
N PRO A 737 5.32 -24.02 4.55
CA PRO A 737 5.13 -22.57 4.39
C PRO A 737 4.32 -22.27 3.15
N THR A 738 3.49 -21.23 3.21
CA THR A 738 2.80 -20.75 2.02
C THR A 738 3.74 -19.83 1.25
N HIS A 739 4.75 -19.26 1.91
CA HIS A 739 5.60 -18.24 1.28
C HIS A 739 6.99 -18.29 1.91
N TYR A 740 7.99 -17.78 1.18
CA TYR A 740 9.31 -17.57 1.79
C TYR A 740 9.68 -16.12 1.58
N TYR A 741 10.18 -15.48 2.62
CA TYR A 741 10.60 -14.07 2.52
C TYR A 741 12.09 -13.89 2.60
N SER A 742 12.53 -12.74 2.10
CA SER A 742 13.90 -12.25 2.37
C SER A 742 13.87 -10.74 2.46
N ILE A 743 14.64 -10.24 3.43
CA ILE A 743 14.85 -8.82 3.67
C ILE A 743 16.30 -8.54 3.43
N ILE A 744 16.61 -7.65 2.50
CA ILE A 744 18.00 -7.48 2.03
C ILE A 744 18.38 -6.04 2.32
N THR A 745 19.30 -5.84 3.27
CA THR A 745 19.57 -4.47 3.79
C THR A 745 21.02 -4.10 3.49
N SER A 746 21.23 -2.84 3.14
CA SER A 746 22.61 -2.37 2.95
C SER A 746 22.68 -0.88 3.32
N CYS A 747 23.82 -0.23 3.06
CA CYS A 747 24.00 1.16 3.48
C CYS A 747 23.47 2.07 2.37
N LEU A 748 22.67 3.09 2.70
CA LEU A 748 22.14 3.98 1.65
C LEU A 748 23.32 4.65 0.92
N ASP A 749 24.35 5.00 1.68
CA ASP A 749 25.61 5.46 1.09
C ASP A 749 26.46 4.22 0.76
N PHE A 750 26.36 3.79 -0.49
CA PHE A 750 26.94 2.54 -0.94
C PHE A 750 28.48 2.60 -1.02
N THR A 751 29.08 3.75 -0.69
CA THR A 751 30.53 3.80 -0.50
C THR A 751 30.97 3.18 0.81
N GLN A 752 30.01 2.91 1.71
CA GLN A 752 30.31 2.18 2.94
C GLN A 752 29.72 0.76 2.86
N PRO A 753 30.50 -0.23 3.32
CA PRO A 753 30.04 -1.60 3.30
C PRO A 753 28.86 -1.82 4.26
N ALA A 754 28.01 -2.78 3.93
CA ALA A 754 26.79 -3.02 4.70
C ALA A 754 27.13 -3.19 6.17
N ASP A 755 28.24 -3.84 6.47
CA ASP A 755 28.57 -4.13 7.88
C ASP A 755 29.31 -3.00 8.63
N LYS A 756 29.55 -1.89 7.95
CA LYS A 756 30.17 -0.69 8.59
C LYS A 756 29.50 0.56 8.08
N CYS A 757 28.19 0.66 8.29
CA CYS A 757 27.39 1.73 7.76
C CYS A 757 27.11 2.74 8.89
N ASP A 758 27.49 3.99 8.71
CA ASP A 758 27.29 5.03 9.74
C ASP A 758 25.92 5.70 9.73
N GLY A 759 25.21 5.66 8.61
CA GLY A 759 24.00 6.47 8.45
C GLY A 759 22.78 5.69 8.02
N PRO A 760 21.91 6.30 7.20
CA PRO A 760 20.67 5.65 6.77
C PRO A 760 20.88 4.33 6.00
N LEU A 761 19.86 3.47 6.08
CA LEU A 761 19.89 2.17 5.45
C LEU A 761 19.08 2.18 4.17
N SER A 762 19.29 1.15 3.35
CA SER A 762 18.55 0.91 2.13
C SER A 762 18.08 -0.57 2.18
N VAL A 763 16.83 -0.80 1.79
CA VAL A 763 16.27 -2.14 1.87
C VAL A 763 15.48 -2.49 0.61
N SER A 764 15.47 -3.79 0.29
CA SER A 764 14.47 -4.36 -0.61
C SER A 764 14.11 -5.73 -0.08
N SER A 765 12.88 -6.14 -0.32
CA SER A 765 12.41 -7.39 0.29
C SER A 765 11.45 -8.07 -0.67
N PHE A 766 11.22 -9.34 -0.45
CA PHE A 766 10.20 -10.05 -1.21
C PHE A 766 9.48 -11.08 -0.35
N ILE A 767 8.30 -11.48 -0.79
CA ILE A 767 7.55 -12.56 -0.18
C ILE A 767 7.15 -13.46 -1.34
N LEU A 768 7.94 -14.51 -1.58
CA LEU A 768 7.71 -15.39 -2.73
C LEU A 768 6.67 -16.46 -2.41
N PRO A 769 5.66 -16.65 -3.30
CA PRO A 769 4.73 -17.75 -3.04
CA PRO A 769 4.72 -17.74 -3.06
C PRO A 769 5.41 -19.12 -3.19
N HIS A 770 5.11 -20.01 -2.26
CA HIS A 770 5.71 -21.35 -2.24
C HIS A 770 4.77 -22.30 -2.99
N ARG A 771 4.96 -22.37 -4.29
CA ARG A 771 4.00 -23.06 -5.16
C ARG A 771 4.63 -24.32 -5.76
N PRO A 772 3.83 -25.37 -5.96
CA PRO A 772 4.38 -26.61 -6.49
C PRO A 772 4.60 -26.63 -8.00
N ASP A 773 4.30 -25.52 -8.68
CA ASP A 773 4.57 -25.39 -10.11
C ASP A 773 5.02 -23.97 -10.34
N ASN A 774 5.54 -23.69 -11.53
CA ASN A 774 5.89 -22.35 -11.92
C ASN A 774 4.94 -21.86 -13.01
N ASP A 775 3.66 -22.23 -12.90
CA ASP A 775 2.64 -21.82 -13.89
C ASP A 775 2.50 -20.29 -13.98
N GLU A 776 2.82 -19.61 -12.90
CA GLU A 776 2.78 -18.15 -12.87
C GLU A 776 3.80 -17.55 -13.85
N SER A 777 4.91 -18.25 -14.10
CA SER A 777 5.91 -17.70 -14.97
C SER A 777 5.83 -18.41 -16.33
N CYS A 778 5.31 -17.72 -17.35
CA CYS A 778 5.07 -18.39 -18.64
C CYS A 778 6.36 -18.84 -19.33
N ASN A 779 7.48 -18.21 -18.95
CA ASN A 779 8.81 -18.53 -19.50
CA ASN A 779 8.80 -18.51 -19.49
C ASN A 779 9.68 -19.47 -18.67
N SER A 780 9.08 -20.20 -17.73
CA SER A 780 9.83 -21.02 -16.76
C SER A 780 10.52 -22.28 -17.33
N SER A 781 10.21 -22.69 -18.55
CA SER A 781 10.99 -23.76 -19.18
CA SER A 781 10.99 -23.75 -19.19
C SER A 781 12.37 -23.23 -19.57
N GLU A 782 12.54 -21.92 -19.62
CA GLU A 782 13.83 -21.35 -19.94
C GLU A 782 14.77 -21.36 -18.71
N ASP A 783 16.03 -20.96 -18.92
CA ASP A 783 17.00 -20.89 -17.84
C ASP A 783 16.51 -19.83 -16.85
N GLU A 784 16.76 -20.08 -15.57
CA GLU A 784 16.31 -19.19 -14.49
C GLU A 784 16.74 -17.73 -14.70
N SER A 785 17.86 -17.47 -15.38
CA SER A 785 18.28 -16.10 -15.72
C SER A 785 17.27 -15.32 -16.59
N LYS A 786 16.29 -16.00 -17.12
CA LYS A 786 15.30 -15.36 -17.99
C LYS A 786 13.94 -15.13 -17.32
N TRP A 787 13.74 -15.63 -16.09
CA TRP A 787 12.41 -15.53 -15.46
C TRP A 787 12.38 -15.36 -13.92
N VAL A 788 13.42 -15.82 -13.22
CA VAL A 788 13.33 -15.83 -11.76
C VAL A 788 13.30 -14.42 -11.18
N GLU A 789 14.19 -13.55 -11.64
CA GLU A 789 14.23 -12.21 -11.08
C GLU A 789 12.93 -11.41 -11.35
N GLU A 790 12.34 -11.62 -12.55
CA GLU A 790 11.01 -11.05 -12.93
C GLU A 790 9.91 -11.52 -11.92
N LEU A 791 9.92 -12.80 -11.60
CA LEU A 791 9.05 -13.31 -10.54
C LEU A 791 9.24 -12.60 -9.18
N MET A 792 10.48 -12.48 -8.77
CA MET A 792 10.80 -11.81 -7.52
C MET A 792 10.36 -10.36 -7.48
N LYS A 793 10.51 -9.62 -8.60
CA LYS A 793 10.08 -8.24 -8.68
C LYS A 793 8.59 -8.12 -8.49
N MET A 794 7.81 -9.04 -9.09
CA MET A 794 6.37 -9.05 -8.97
CA MET A 794 6.36 -9.01 -8.95
C MET A 794 5.95 -9.20 -7.50
N HIS A 795 6.79 -9.92 -6.74
CA HIS A 795 6.49 -10.25 -5.34
C HIS A 795 7.33 -9.47 -4.33
N THR A 796 7.75 -8.29 -4.78
CA THR A 796 8.42 -7.34 -3.93
C THR A 796 7.52 -6.99 -2.72
N ALA A 797 8.11 -6.64 -1.57
CA ALA A 797 7.31 -6.45 -0.33
C ALA A 797 7.93 -5.41 0.54
N ARG A 798 7.11 -4.84 1.44
CA ARG A 798 7.65 -3.99 2.51
C ARG A 798 8.08 -4.85 3.68
N VAL A 799 9.06 -4.39 4.43
CA VAL A 799 9.39 -5.10 5.67
C VAL A 799 8.13 -5.19 6.56
N ARG A 800 7.30 -4.14 6.56
CA ARG A 800 6.12 -4.16 7.39
C ARG A 800 5.16 -5.32 7.01
N ASP A 801 5.12 -5.66 5.71
CA ASP A 801 4.27 -6.77 5.24
C ASP A 801 4.74 -8.09 5.87
N ILE A 802 6.04 -8.26 5.91
CA ILE A 802 6.65 -9.44 6.51
C ILE A 802 6.45 -9.47 8.02
N GLU A 803 6.50 -8.30 8.65
CA GLU A 803 6.20 -8.22 10.10
C GLU A 803 4.80 -8.74 10.41
N HIS A 804 3.81 -8.28 9.66
CA HIS A 804 2.43 -8.74 9.88
C HIS A 804 2.35 -10.26 9.69
N LEU A 805 3.03 -10.78 8.67
CA LEU A 805 2.92 -12.20 8.30
C LEU A 805 3.71 -13.15 9.23
N THR A 806 4.59 -12.60 10.05
CA THR A 806 5.50 -13.43 10.89
C THR A 806 5.40 -13.15 12.39
N GLY A 807 4.79 -12.04 12.79
CA GLY A 807 4.83 -11.60 14.23
C GLY A 807 6.22 -11.25 14.73
N LEU A 808 7.14 -10.89 13.81
CA LEU A 808 8.49 -10.44 14.13
C LEU A 808 8.60 -8.92 13.98
N ASP A 809 9.54 -8.33 14.71
CA ASP A 809 9.78 -6.88 14.65
C ASP A 809 11.28 -6.73 14.40
N PHE A 810 11.61 -6.16 13.24
CA PHE A 810 13.00 -6.03 12.77
C PHE A 810 13.59 -4.66 13.10
N TYR A 811 14.90 -4.54 12.86
CA TYR A 811 15.64 -3.28 13.06
C TYR A 811 15.54 -2.70 14.48
N ARG A 812 15.65 -3.59 15.46
CA ARG A 812 15.43 -3.22 16.86
C ARG A 812 16.63 -2.42 17.41
N LYS A 813 17.81 -2.65 16.82
CA LYS A 813 19.07 -2.03 17.32
C LYS A 813 19.87 -1.41 16.22
N THR A 814 19.54 -0.18 15.89
CA THR A 814 20.31 0.59 14.92
C THR A 814 20.69 1.87 15.63
N SER A 815 21.47 2.71 14.96
CA SER A 815 21.75 4.05 15.47
C SER A 815 20.72 5.08 14.97
N ARG A 816 19.68 4.63 14.28
CA ARG A 816 18.77 5.53 13.60
C ARG A 816 17.55 5.89 14.46
N SER A 817 16.96 7.06 14.20
CA SER A 817 15.68 7.43 14.87
C SER A 817 14.57 6.39 14.58
N TYR A 818 13.65 6.19 15.51
CA TYR A 818 12.66 5.14 15.34
C TYR A 818 11.71 5.51 14.18
N SER A 819 11.34 6.78 14.05
CA SER A 819 10.51 7.17 12.92
CA SER A 819 10.48 7.14 12.93
C SER A 819 11.18 6.92 11.59
N GLU A 820 12.51 7.12 11.53
CA GLU A 820 13.23 6.86 10.28
C GLU A 820 13.13 5.36 9.96
N ILE A 821 13.22 4.56 11.00
CA ILE A 821 13.15 3.09 10.83
C ILE A 821 11.73 2.73 10.40
N LEU A 822 10.72 3.39 10.94
CA LEU A 822 9.35 3.08 10.48
C LEU A 822 9.18 3.40 8.99
N THR A 823 9.78 4.50 8.54
CA THR A 823 9.70 4.83 7.12
C THR A 823 10.40 3.73 6.29
N LEU A 824 11.57 3.30 6.76
CA LEU A 824 12.29 2.21 6.07
C LEU A 824 11.45 0.91 6.01
N LYS A 825 10.75 0.58 7.10
CA LYS A 825 9.89 -0.62 7.10
C LYS A 825 8.71 -0.51 6.16
N THR A 826 8.27 0.72 5.84
CA THR A 826 7.18 0.87 4.86
C THR A 826 7.66 1.01 3.38
N TYR A 827 8.97 1.09 3.16
CA TYR A 827 9.49 1.20 1.79
C TYR A 827 9.13 0.00 0.94
N LEU A 828 8.76 0.26 -0.33
CA LEU A 828 8.60 -0.84 -1.27
C LEU A 828 9.52 -0.59 -2.46
N HIS A 829 10.39 -1.52 -2.77
CA HIS A 829 11.21 -1.34 -3.95
C HIS A 829 10.35 -1.75 -5.16
N THR A 830 10.07 -0.82 -6.08
N THR A 830 10.11 -0.81 -6.06
CA THR A 830 9.00 -1.05 -7.10
CA THR A 830 9.51 -1.21 -7.30
C THR A 830 9.52 -1.61 -8.45
C THR A 830 10.64 -1.10 -8.31
N TYR A 831 10.79 -1.34 -8.77
N TYR A 831 10.54 -1.87 -9.37
CA TYR A 831 11.39 -1.82 -10.03
CA TYR A 831 11.61 -1.81 -10.29
C TYR A 831 10.73 -1.25 -11.31
C TYR A 831 11.10 -0.97 -11.45
N GLU A 832 10.14 -0.07 -11.16
CA GLU A 832 9.59 0.73 -12.23
C GLU A 832 10.68 1.75 -12.54
N SER A 833 10.80 2.16 -13.81
CA SER A 833 11.78 3.19 -14.15
C SER A 833 11.33 4.59 -13.68
N GLU A 834 11.86 5.65 -14.28
CA GLU A 834 11.58 7.03 -13.87
C GLU A 834 10.16 7.49 -14.20
C1 NAG B . -5.43 -3.68 8.60
C2 NAG B . -4.94 -5.05 9.06
C3 NAG B . -6.17 -5.83 9.59
C4 NAG B . -6.96 -5.06 10.65
C5 NAG B . -7.18 -3.61 10.21
C6 NAG B . -7.79 -2.77 11.37
C7 NAG B . -3.07 -6.19 7.99
C8 NAG B . -2.62 -7.03 6.82
N2 NAG B . -4.37 -5.80 7.97
O3 NAG B . -5.75 -7.09 10.13
O4 NAG B . -8.24 -5.64 10.71
O5 NAG B . -5.97 -3.00 9.75
O6 NAG B . -6.92 -2.91 12.48
O7 NAG B . -2.28 -5.90 8.90
C1 NAG B . -8.64 -6.09 12.02
C2 NAG B . -10.17 -6.11 12.05
C3 NAG B . -10.66 -6.71 13.37
C4 NAG B . -10.01 -8.09 13.63
C5 NAG B . -8.48 -8.17 13.40
C6 NAG B . -8.05 -9.64 13.16
C7 NAG B . -11.17 -4.29 10.62
C8 NAG B . -11.78 -2.88 10.62
N2 NAG B . -10.78 -4.79 11.81
O3 NAG B . -12.07 -6.79 13.26
O4 NAG B . -10.28 -8.50 14.96
O5 NAG B . -8.03 -7.37 12.29
O6 NAG B . -8.38 -10.14 11.84
O7 NAG B . -11.07 -4.84 9.52
C1 BMA B . -11.48 -9.30 15.02
C2 BMA B . -11.32 -10.48 15.97
C3 BMA B . -12.63 -11.29 16.19
C4 BMA B . -13.81 -10.33 16.44
C5 BMA B . -13.87 -9.20 15.40
C6 BMA B . -15.04 -8.21 15.58
O2 BMA B . -10.79 -9.99 17.19
O3 BMA B . -12.50 -12.23 17.26
O4 BMA B . -15.02 -11.06 16.41
O5 BMA B . -12.62 -8.51 15.38
O6 BMA B . -15.15 -7.50 14.36
C1 MAN B . -16.18 -6.48 14.30
C2 MAN B . -16.47 -6.13 12.82
C3 MAN B . -15.35 -5.22 12.26
C4 MAN B . -15.22 -3.98 13.15
C5 MAN B . -14.92 -4.40 14.61
C6 MAN B . -14.76 -3.20 15.56
O2 MAN B . -17.76 -5.56 12.65
O3 MAN B . -15.46 -4.81 10.89
O4 MAN B . -14.24 -3.09 12.62
O5 MAN B . -15.93 -5.30 15.09
O6 MAN B . -15.79 -2.23 15.42
C1 MAN B . -15.28 -5.89 9.93
C2 MAN B . -14.71 -5.37 8.59
C3 MAN B . -15.73 -4.41 7.94
C4 MAN B . -17.11 -5.09 7.78
C5 MAN B . -17.53 -5.84 9.06
C6 MAN B . -18.68 -6.79 8.80
O2 MAN B . -14.47 -6.49 7.74
O3 MAN B . -15.32 -3.95 6.66
O4 MAN B . -18.06 -4.11 7.38
O5 MAN B . -16.47 -6.62 9.64
O6 MAN B . -19.21 -7.06 10.07
C1 MAN B . -13.11 -6.99 7.67
C2 MAN B . -12.94 -7.82 6.37
C3 MAN B . -13.65 -9.16 6.52
C4 MAN B . -13.24 -9.91 7.81
C5 MAN B . -13.38 -9.00 9.05
C6 MAN B . -12.84 -9.65 10.33
O2 MAN B . -11.56 -8.04 6.03
O3 MAN B . -13.35 -9.97 5.40
O4 MAN B . -13.96 -11.11 7.95
O5 MAN B . -12.72 -7.73 8.83
O6 MAN B . -13.27 -8.94 11.48
C1 MAN B . -12.43 -13.62 16.82
C2 MAN B . -13.21 -14.59 17.75
C3 MAN B . -12.48 -14.89 19.07
C4 MAN B . -11.00 -15.19 18.84
C5 MAN B . -10.41 -14.10 17.95
C6 MAN B . -8.89 -14.15 17.80
O2 MAN B . -13.43 -15.83 17.09
O3 MAN B . -13.05 -16.02 19.71
O4 MAN B . -10.35 -15.24 20.08
O5 MAN B . -11.09 -14.10 16.68
O6 MAN B . -8.34 -13.30 18.80
C1 MAN B . -14.83 -16.15 16.98
C2 MAN B . -15.08 -17.61 17.42
C3 MAN B . -14.53 -18.60 16.35
C4 MAN B . -15.00 -18.22 14.94
C5 MAN B . -14.72 -16.72 14.66
C6 MAN B . -15.14 -16.25 13.26
O2 MAN B . -16.46 -17.80 17.67
O3 MAN B . -14.78 -19.98 16.62
O4 MAN B . -14.36 -19.05 13.99
O5 MAN B . -15.34 -15.92 15.67
O6 MAN B . -16.53 -16.07 13.18
CA CA C . -10.93 8.22 -9.30
O1 MES D . -18.34 -1.24 -15.72
C2 MES D . -18.73 -0.85 -14.39
C3 MES D . -17.47 -0.78 -13.52
N4 MES D . -16.73 -2.08 -13.57
C5 MES D . -16.46 -2.56 -14.94
C6 MES D . -17.74 -2.53 -15.79
C7 MES D . -15.44 -1.98 -12.85
C8 MES D . -15.66 -2.66 -11.51
S MES D . -14.35 -2.63 -10.46
O1S MES D . -14.01 -1.22 -10.14
O2S MES D . -14.75 -3.35 -9.26
O3S MES D . -13.23 -3.31 -11.14
C ACT E . 1.60 -4.40 -15.34
O ACT E . 2.75 -4.55 -14.79
OXT ACT E . 1.51 -3.97 -16.52
CH3 ACT E . 0.34 -4.73 -14.59
C10 XK5 F . -17.37 13.16 -3.39
C13 XK5 F . -17.76 10.45 -4.42
O14 XK5 F . -17.28 14.32 -3.01
C16 XK5 F . -15.73 13.12 -0.65
C17 XK5 F . -14.24 13.44 -0.82
C19 XK5 F . -12.05 12.53 -0.42
C21 XK5 F . -11.54 13.70 1.58
C22 XK5 F . -10.79 12.52 2.16
C23 XK5 F . -11.37 11.23 1.60
C24 XK5 F . -11.40 11.26 0.08
C1 XK5 F . -15.69 7.87 -1.05
C2 XK5 F . -15.13 8.63 -0.01
C3 XK5 F . -15.22 10.01 -0.01
C4 XK5 F . -16.34 8.39 -2.15
C5 XK5 F . -16.44 9.81 -2.18
C6 XK5 F . -15.88 10.61 -1.13
N7 XK5 F . -16.11 11.99 -1.43
C8 XK5 F . -17.03 10.72 -3.13
C9 XK5 F . -16.81 12.02 -2.68
N11 XK5 F . -17.98 12.85 -4.59
C12 XK5 F . -17.60 11.64 -5.35
CL15 XK5 F . -15.55 6.13 -1.03
O18 XK5 F . -13.43 12.46 -0.14
O20 XK5 F . -11.50 13.68 0.14
S SO4 G . 2.75 33.30 1.67
O1 SO4 G . 3.76 32.19 1.50
O2 SO4 G . 1.93 32.99 2.91
O3 SO4 G . 3.37 34.64 1.90
O4 SO4 G . 1.99 33.36 0.35
S SO4 H . -13.89 5.38 -12.19
O1 SO4 H . -13.17 4.91 -10.90
O2 SO4 H . -15.36 5.53 -11.86
O3 SO4 H . -13.38 6.68 -12.72
O4 SO4 H . -13.64 4.28 -13.22
ZN ZN I . -11.85 7.09 -13.60
NA NA J . 5.64 -21.85 -16.28
CA CA K . -3.08 -15.86 8.50
NA NA L . 10.39 -35.94 -1.38
#